data_2YA1
#
_entry.id   2YA1
#
_cell.length_a   80.137
_cell.length_b   86.429
_cell.length_c   193.225
_cell.angle_alpha   90.00
_cell.angle_beta   90.00
_cell.angle_gamma   90.00
#
_symmetry.space_group_name_H-M   'P 21 21 21'
#
loop_
_entity.id
_entity.type
_entity.pdbx_description
1 polymer 'PUTATIVE ALKALINE AMYLOPULLULANASE'
2 branched alpha-D-glucopyranose-(1-4)-alpha-D-glucopyranose-(1-4)-alpha-D-glucopyranose-(1-4)-beta-D-glucopyranose
3 branched alpha-D-glucopyranose-(1-4)-alpha-D-glucopyranose-(1-4)-alpha-D-glucopyranose-(1-4)-alpha-D-glucopyranose
4 branched alpha-D-glucopyranose-(1-4)-alpha-D-glucopyranose-(1-4)-alpha-D-glucopyranose
5 non-polymer 'SULFATE ION'
6 non-polymer 'SODIUM ION'
7 water water
#
_entity_poly.entity_id   1
_entity_poly.type   'polypeptide(L)'
_entity_poly.pdbx_seq_one_letter_code
;AHMASDNYFRIHVKKLPEENKDAQGLWTWDDVEKPSENWPNGALSFKDAKKDDYGYYLDVKLKGEQAKKISFLINNTAGK
NLTGDKSVEKLVPKMNEAWLDQDYKVFSYEPQPAGTVRVNYYRTDGNYDKKSLWYWGDVKNPSSAQWPDGTDFTATGKYG
RYIDIPLNEAAREFGFLLLDESKQGDDVKIRKENYKFTDLKNHSQIFLKDDDESIYTNPYYVHDIRMTGAQHVGTSSIES
SFSTLVGAKKEDILKHSNITNHLGNKVTITDVAIDEAGKKVTYSGDFSDTKHPYTVSYNSDQFTTKTSWRLKDETYSYDG
KLGADLKEEGKQVDLTLWSPSADKVSVVVYDKNDPDKVVGTVALEKGERGTWKQTLDSTNKLGITDFTGYYYQYQIERQG
KTVLALDPYAKSLAAWNSDDSKIDDAHKVAKAAFVDPAKLGPQDLTYGKIHNFKTREDAVIYEAHVRDFTSDPAIAKDLT
KPFGTFEAFIEKLDYLKDLGVTHIQLLPVLSYYFVNELKNHERLSDYASSNSNYNWGYDPQNYFSLTGMYSSDPKNPEKR
IAEFKNLINEIHKRGMGAILDVVYNHTAKVDLFEDLEPNYYHFMDADGTPRTSFGGGRLGTTHHMTKRLLIDSIKYLVDT
YKVDGFRFDMMGDHDAASIEEAYKAARALNPNLIMLGEGWRTYAGDENMPTKAADQDWMKHTDTVAVFSDDIRNNLKSGY
PNEGQPAFITGGKRDVNTIFKNLIAQPTNFEADSPGDVIQYIAAHDNLTLFDIIAQSIKKDPSKAENYAEIHRRLRLGNL
MVLTAQGTPFIHSGQEYGRTKQFRNPAYRTPVAEDKVPNKSHLLRDKDGNPFDYPYFIHDSYDSSDAVNKFDWTKATDGK
AYPENVKSRDYMKGLIALRQSTDAFRLKSLQDIKDRVHLITVPGQNGVEKEDVVIGYQITAPNGDIYAVFVNADEKAREF
NLGTAFAHLRNAEVLADENQAGPVGIANPKGLEWTEKGLKLNALTATVLRVSQN
;
_entity_poly.pdbx_strand_id   A
#
# COMPACT_ATOMS: atom_id res chain seq x y z
N ALA A 1 11.26 -30.57 23.59
CA ALA A 1 10.51 -30.80 22.32
C ALA A 1 11.06 -29.83 21.29
N HIS A 2 10.25 -28.86 20.88
CA HIS A 2 10.74 -27.75 20.06
C HIS A 2 11.60 -26.78 20.88
N MET A 3 11.44 -26.84 22.21
CA MET A 3 12.30 -26.06 23.11
C MET A 3 13.71 -26.64 23.23
N ALA A 4 13.85 -27.91 22.83
CA ALA A 4 15.17 -28.51 22.61
C ALA A 4 15.55 -28.43 21.12
N SER A 5 15.43 -27.23 20.54
CA SER A 5 15.63 -27.05 19.09
C SER A 5 16.18 -25.65 18.84
N ASP A 6 17.18 -25.57 17.95
CA ASP A 6 17.89 -24.31 17.63
C ASP A 6 17.04 -23.29 16.86
N ASN A 7 15.97 -23.78 16.25
CA ASN A 7 15.26 -23.02 15.22
C ASN A 7 13.73 -23.11 15.32
N TYR A 8 13.23 -23.26 16.53
CA TYR A 8 11.81 -23.03 16.77
C TYR A 8 11.68 -21.82 17.67
N PHE A 9 10.55 -21.14 17.57
CA PHE A 9 10.30 -19.98 18.40
C PHE A 9 8.87 -20.07 18.87
N ARG A 10 8.68 -19.95 20.18
CA ARG A 10 7.37 -20.10 20.77
C ARG A 10 6.79 -18.73 21.12
N ILE A 11 5.65 -18.46 20.49
CA ILE A 11 4.92 -17.25 20.80
C ILE A 11 3.75 -17.61 21.70
N HIS A 12 3.70 -16.97 22.85
CA HIS A 12 2.67 -17.19 23.84
C HIS A 12 1.66 -16.05 23.79
N VAL A 13 0.38 -16.38 24.01
CA VAL A 13 -0.68 -15.36 23.97
C VAL A 13 -1.57 -15.31 25.23
N LYS A 14 -1.49 -14.19 25.97
CA LYS A 14 -2.34 -13.93 27.12
C LYS A 14 -3.82 -14.06 26.75
N LYS A 15 -4.37 -13.10 26.00
CA LYS A 15 -5.72 -13.29 25.43
C LYS A 15 -5.85 -12.95 23.95
N LEU A 16 -6.50 -13.86 23.23
CA LEU A 16 -6.87 -13.68 21.83
C LEU A 16 -7.73 -12.41 21.66
N PRO A 17 -7.39 -11.56 20.67
CA PRO A 17 -8.12 -10.29 20.46
C PRO A 17 -9.64 -10.46 20.36
N GLU A 18 -10.08 -11.56 19.75
CA GLU A 18 -11.49 -11.84 19.51
C GLU A 18 -11.97 -13.13 20.13
N GLU A 19 -13.28 -13.19 20.27
CA GLU A 19 -14.00 -14.26 20.93
C GLU A 19 -13.72 -15.70 20.43
N ASN A 20 -13.68 -15.90 19.11
CA ASN A 20 -13.58 -17.25 18.53
C ASN A 20 -12.19 -17.61 18.00
N LYS A 21 -11.57 -18.63 18.61
CA LYS A 21 -10.17 -18.95 18.33
C LYS A 21 -9.99 -19.67 17.01
N ASP A 22 -11.06 -20.29 16.53
CA ASP A 22 -11.14 -20.90 15.20
C ASP A 22 -11.02 -19.85 14.08
N ALA A 23 -11.40 -18.60 14.38
CA ALA A 23 -11.38 -17.53 13.39
C ALA A 23 -10.10 -16.69 13.43
N GLN A 24 -9.12 -17.11 14.23
CA GLN A 24 -7.93 -16.28 14.43
C GLN A 24 -6.65 -17.01 14.07
N GLY A 25 -5.62 -16.26 13.71
CA GLY A 25 -4.38 -16.91 13.31
C GLY A 25 -3.14 -16.10 13.59
N LEU A 26 -2.01 -16.78 13.64
CA LEU A 26 -0.76 -16.10 13.89
C LEU A 26 -0.01 -15.98 12.59
N TRP A 27 0.17 -14.74 12.16
CA TRP A 27 0.80 -14.38 10.89
C TRP A 27 2.26 -13.98 11.17
N THR A 28 3.21 -14.59 10.47
CA THR A 28 4.63 -14.34 10.75
C THR A 28 5.42 -13.94 9.52
N TRP A 29 6.44 -13.14 9.74
CA TRP A 29 7.34 -12.77 8.67
C TRP A 29 8.71 -12.46 9.25
N ASP A 30 9.58 -11.91 8.41
CA ASP A 30 10.99 -11.73 8.72
C ASP A 30 11.65 -13.11 8.88
N ASP A 31 12.52 -13.27 9.89
CA ASP A 31 13.41 -14.45 9.97
C ASP A 31 12.76 -15.78 10.38
N VAL A 32 11.61 -16.10 9.79
CA VAL A 32 11.01 -17.42 9.96
C VAL A 32 11.26 -18.25 8.70
N GLU A 33 11.14 -19.58 8.83
CA GLU A 33 11.42 -20.49 7.73
C GLU A 33 10.49 -20.23 6.54
N LYS A 34 9.18 -20.26 6.79
CA LYS A 34 8.18 -20.03 5.74
C LYS A 34 7.28 -18.85 6.09
N PRO A 35 7.63 -17.63 5.66
CA PRO A 35 6.80 -16.49 6.05
C PRO A 35 5.36 -16.73 5.60
N SER A 36 4.40 -16.32 6.42
CA SER A 36 2.98 -16.58 6.12
C SER A 36 2.62 -15.98 4.77
N GLU A 37 1.90 -16.73 3.95
CA GLU A 37 1.33 -16.17 2.75
C GLU A 37 -0.14 -16.52 2.64
N ASN A 38 -0.81 -15.86 1.69
CA ASN A 38 -2.22 -15.99 1.49
C ASN A 38 -3.01 -15.37 2.65
N TRP A 39 -3.00 -14.05 2.75
CA TRP A 39 -3.79 -13.31 3.76
C TRP A 39 -5.29 -13.54 3.61
N PRO A 40 -5.98 -13.88 4.70
CA PRO A 40 -5.41 -14.05 6.03
C PRO A 40 -5.19 -15.52 6.47
N ASN A 41 -5.77 -16.45 5.73
CA ASN A 41 -5.93 -17.83 6.19
C ASN A 41 -4.66 -18.69 6.14
N GLY A 42 -3.62 -18.20 5.46
CA GLY A 42 -2.31 -18.82 5.56
C GLY A 42 -1.63 -18.67 6.93
N ALA A 43 -2.24 -17.87 7.81
CA ALA A 43 -1.71 -17.70 9.15
C ALA A 43 -1.80 -19.04 9.88
N LEU A 44 -0.99 -19.21 10.91
CA LEU A 44 -1.09 -20.41 11.72
C LEU A 44 -2.32 -20.27 12.62
N SER A 45 -3.28 -21.15 12.42
CA SER A 45 -4.54 -21.06 13.17
C SER A 45 -4.39 -21.37 14.68
N PHE A 46 -5.18 -20.67 15.49
CA PHE A 46 -5.25 -20.88 16.91
C PHE A 46 -6.20 -22.04 17.23
N LYS A 47 -6.87 -22.55 16.19
CA LYS A 47 -7.72 -23.72 16.32
C LYS A 47 -6.99 -24.85 17.03
N ASP A 48 -5.72 -25.04 16.68
CA ASP A 48 -4.94 -26.12 17.26
C ASP A 48 -3.87 -25.66 18.25
N ALA A 49 -3.85 -24.38 18.58
CA ALA A 49 -2.91 -23.85 19.58
C ALA A 49 -2.95 -24.66 20.88
N LYS A 50 -1.78 -25.10 21.33
CA LYS A 50 -1.67 -25.70 22.64
C LYS A 50 -1.74 -24.60 23.69
N LYS A 51 -2.02 -25.00 24.93
CA LYS A 51 -2.27 -24.09 26.01
C LYS A 51 -1.38 -24.42 27.22
N ASP A 52 -0.75 -23.38 27.79
CA ASP A 52 -0.04 -23.51 29.06
C ASP A 52 -0.79 -22.71 30.16
N ASP A 53 -0.17 -22.54 31.34
CA ASP A 53 -0.82 -21.85 32.45
C ASP A 53 -1.10 -20.39 32.12
N TYR A 54 -0.25 -19.82 31.27
CA TYR A 54 -0.40 -18.43 30.83
C TYR A 54 -1.49 -18.25 29.77
N GLY A 55 -1.64 -19.20 28.86
CA GLY A 55 -2.56 -19.04 27.74
C GLY A 55 -2.18 -19.86 26.52
N TYR A 56 -2.51 -19.36 25.34
CA TYR A 56 -2.22 -20.09 24.11
C TYR A 56 -0.76 -19.91 23.71
N TYR A 57 -0.18 -20.94 23.11
CA TYR A 57 1.10 -20.74 22.45
C TYR A 57 1.13 -21.44 21.12
N LEU A 58 2.03 -20.95 20.25
CA LEU A 58 2.24 -21.49 18.91
C LEU A 58 3.73 -21.51 18.61
N ASP A 59 4.19 -22.53 17.89
CA ASP A 59 5.61 -22.69 17.56
C ASP A 59 5.91 -22.42 16.09
N VAL A 60 6.96 -21.66 15.86
CA VAL A 60 7.30 -21.20 14.52
C VAL A 60 8.73 -21.62 14.17
N LYS A 61 8.85 -22.35 13.06
CA LYS A 61 10.15 -22.73 12.51
C LYS A 61 10.95 -21.51 12.08
N LEU A 62 12.26 -21.54 12.32
CA LEU A 62 13.15 -20.45 11.99
C LEU A 62 14.04 -20.79 10.81
N LYS A 63 14.64 -19.74 10.25
CA LYS A 63 15.63 -19.84 9.19
C LYS A 63 16.80 -18.91 9.54
N GLU A 65 19.66 -21.03 11.30
CA GLU A 65 20.20 -19.74 11.74
C GLU A 65 20.83 -18.98 10.55
N GLN A 66 21.22 -17.70 10.73
CA GLN A 66 21.19 -16.97 12.00
C GLN A 66 19.96 -16.07 12.10
N ALA A 67 18.90 -16.59 12.73
CA ALA A 67 17.64 -15.87 12.87
C ALA A 67 17.74 -14.82 13.98
N LYS A 68 17.46 -13.56 13.65
CA LYS A 68 17.52 -12.50 14.63
C LYS A 68 16.14 -11.89 14.90
N LYS A 69 15.37 -11.66 13.84
CA LYS A 69 14.13 -10.89 13.93
C LYS A 69 12.91 -11.69 13.51
N ILE A 70 12.00 -11.92 14.45
CA ILE A 70 10.73 -12.58 14.19
C ILE A 70 9.60 -11.56 14.30
N SER A 71 8.86 -11.37 13.20
CA SER A 71 7.71 -10.46 13.19
C SER A 71 6.39 -11.23 13.12
N PHE A 72 5.37 -10.72 13.79
CA PHE A 72 4.11 -11.45 13.86
C PHE A 72 2.95 -10.52 14.21
N LEU A 73 1.74 -11.03 14.05
CA LEU A 73 0.51 -10.36 14.44
C LEU A 73 -0.53 -11.45 14.59
N ILE A 74 -1.66 -11.11 15.18
CA ILE A 74 -2.80 -11.97 15.12
C ILE A 74 -3.88 -11.39 14.18
N ASN A 75 -4.30 -12.20 13.23
CA ASN A 75 -5.33 -11.81 12.31
C ASN A 75 -6.62 -12.62 12.53
N ASN A 76 -7.67 -12.31 11.80
CA ASN A 76 -8.84 -13.18 11.77
C ASN A 76 -9.22 -13.59 10.33
N THR A 77 -10.23 -14.45 10.19
CA THR A 77 -10.75 -14.83 8.88
C THR A 77 -11.21 -13.59 8.08
N ALA A 78 -11.47 -12.49 8.79
CA ALA A 78 -12.07 -11.26 8.24
C ALA A 78 -11.30 -10.28 7.31
N GLY A 79 -9.99 -10.36 7.07
CA GLY A 79 -8.96 -10.74 7.98
C GLY A 79 -8.41 -9.36 8.36
N LYS A 80 -8.77 -8.92 9.55
CA LYS A 80 -8.22 -7.70 10.10
C LYS A 80 -6.91 -8.02 10.77
N ASN A 81 -6.04 -7.03 10.84
CA ASN A 81 -4.83 -7.11 11.64
C ASN A 81 -5.20 -6.72 13.07
N LEU A 82 -5.53 -7.72 13.90
CA LEU A 82 -6.17 -7.47 15.20
C LEU A 82 -5.28 -6.82 16.26
N THR A 83 -4.04 -7.30 16.36
CA THR A 83 -3.05 -6.78 17.30
C THR A 83 -2.32 -5.56 16.80
N GLY A 84 -2.26 -5.39 15.48
CA GLY A 84 -1.24 -4.51 14.91
C GLY A 84 0.03 -5.32 14.80
N ASP A 85 0.99 -4.81 14.04
CA ASP A 85 2.24 -5.51 13.78
C ASP A 85 3.06 -5.58 15.05
N LYS A 86 3.61 -6.76 15.35
CA LYS A 86 4.56 -6.95 16.44
C LYS A 86 5.89 -7.52 15.95
N SER A 87 6.92 -7.37 16.76
CA SER A 87 8.27 -7.74 16.36
C SER A 87 9.05 -8.18 17.61
N VAL A 88 9.80 -9.28 17.51
CA VAL A 88 10.75 -9.64 18.58
C VAL A 88 12.14 -9.77 18.02
N GLU A 89 13.10 -9.22 18.74
CA GLU A 89 14.50 -9.45 18.43
C GLU A 89 15.00 -10.59 19.30
N LYS A 90 15.68 -11.54 18.67
CA LYS A 90 16.28 -12.70 19.34
C LYS A 90 17.57 -12.21 20.04
N LEU A 91 17.53 -12.01 21.36
CA LEU A 91 18.65 -11.37 22.09
C LEU A 91 19.97 -12.17 22.01
N VAL A 92 19.87 -13.47 22.19
CA VAL A 92 20.98 -14.40 22.07
C VAL A 92 20.48 -15.59 21.23
N PRO A 93 21.41 -16.40 20.65
CA PRO A 93 21.06 -17.59 19.87
C PRO A 93 19.98 -18.48 20.45
N LYS A 94 19.94 -18.62 21.77
CA LYS A 94 19.00 -19.57 22.38
C LYS A 94 17.71 -18.94 22.92
N MET A 95 17.49 -17.66 22.61
CA MET A 95 16.23 -17.04 22.98
C MET A 95 15.21 -17.59 22.02
N ASN A 96 14.33 -18.42 22.56
CA ASN A 96 13.39 -19.15 21.74
C ASN A 96 11.93 -19.04 22.22
N GLU A 97 11.62 -17.96 22.93
CA GLU A 97 10.27 -17.76 23.46
C GLU A 97 9.99 -16.29 23.59
N ALA A 98 8.73 -15.92 23.41
CA ALA A 98 8.26 -14.57 23.72
C ALA A 98 6.79 -14.60 24.14
N TRP A 99 6.35 -13.52 24.75
CA TRP A 99 5.03 -13.46 25.36
C TRP A 99 4.34 -12.20 24.90
N LEU A 100 3.08 -12.31 24.53
CA LEU A 100 2.23 -11.15 24.25
C LEU A 100 1.25 -10.99 25.41
N ASP A 101 1.23 -9.81 26.03
CA ASP A 101 0.29 -9.58 27.13
C ASP A 101 -1.05 -9.12 26.60
N GLN A 102 -2.02 -8.93 27.49
CA GLN A 102 -3.39 -8.60 27.09
C GLN A 102 -3.52 -7.19 26.52
N ASP A 103 -2.42 -6.44 26.55
CA ASP A 103 -2.30 -5.15 25.88
C ASP A 103 -1.45 -5.26 24.61
N TYR A 104 -1.11 -6.49 24.23
CA TYR A 104 -0.25 -6.80 23.08
C TYR A 104 1.11 -6.14 23.14
N LYS A 105 1.69 -6.08 24.34
CA LYS A 105 3.10 -5.73 24.52
C LYS A 105 3.89 -7.03 24.55
N VAL A 106 5.12 -6.96 24.06
CA VAL A 106 6.00 -8.11 23.91
C VAL A 106 7.10 -8.19 25.00
N PHE A 107 7.20 -9.35 25.62
CA PHE A 107 8.20 -9.61 26.65
C PHE A 107 9.03 -10.82 26.30
N SER A 108 10.29 -10.81 26.72
CA SER A 108 11.18 -11.98 26.61
C SER A 108 11.04 -12.98 27.78
N TYR A 109 10.05 -12.76 28.64
CA TYR A 109 9.78 -13.66 29.79
C TYR A 109 8.27 -13.66 30.05
N GLU A 110 7.78 -14.64 30.81
CA GLU A 110 6.34 -14.69 31.16
C GLU A 110 6.00 -13.51 32.05
N PRO A 111 5.12 -12.60 31.58
CA PRO A 111 4.72 -11.48 32.42
C PRO A 111 3.89 -11.93 33.62
N GLN A 112 4.16 -11.33 34.78
CA GLN A 112 3.49 -11.66 36.03
C GLN A 112 2.29 -10.75 36.27
N PRO A 113 1.31 -11.21 37.06
CA PRO A 113 0.13 -10.37 37.31
C PRO A 113 0.53 -9.01 37.89
N ALA A 114 -0.23 -7.97 37.60
CA ALA A 114 0.02 -6.66 38.18
C ALA A 114 -0.01 -6.77 39.72
N GLY A 115 0.87 -6.00 40.37
CA GLY A 115 1.05 -6.07 41.83
C GLY A 115 2.04 -7.13 42.29
N THR A 116 2.89 -7.56 41.35
CA THR A 116 3.87 -8.61 41.61
C THR A 116 5.09 -8.42 40.75
N VAL A 117 6.25 -8.52 41.40
CA VAL A 117 7.53 -8.62 40.72
C VAL A 117 8.12 -9.97 41.12
N ARG A 118 8.48 -10.76 40.12
CA ARG A 118 9.15 -12.03 40.35
C ARG A 118 10.66 -11.77 40.37
N VAL A 119 11.35 -12.27 41.39
CA VAL A 119 12.80 -12.07 41.45
C VAL A 119 13.52 -13.38 41.14
N ASN A 120 14.21 -13.43 39.99
CA ASN A 120 14.91 -14.63 39.55
C ASN A 120 16.40 -14.57 39.89
N TYR A 121 16.86 -15.59 40.61
CA TYR A 121 18.27 -15.67 41.00
C TYR A 121 18.88 -17.00 40.55
N TYR A 122 19.81 -16.90 39.59
CA TYR A 122 20.55 -18.06 39.07
C TYR A 122 21.95 -18.19 39.69
N ARG A 123 22.28 -19.38 40.18
CA ARG A 123 23.61 -19.66 40.70
C ARG A 123 24.34 -20.75 39.91
N THR A 124 25.42 -20.35 39.22
CA THR A 124 26.28 -21.29 38.49
C THR A 124 26.62 -22.54 39.29
N ASP A 125 26.81 -22.39 40.60
CA ASP A 125 27.15 -23.52 41.45
C ASP A 125 25.95 -24.34 41.91
N GLY A 126 24.76 -23.97 41.47
CA GLY A 126 23.54 -24.69 41.82
C GLY A 126 23.22 -24.86 43.30
N ASN A 127 23.95 -24.17 44.17
CA ASN A 127 23.69 -24.25 45.61
C ASN A 127 22.82 -23.11 46.13
N TYR A 128 21.54 -23.41 46.33
CA TYR A 128 20.59 -22.46 46.89
C TYR A 128 20.32 -22.68 48.38
N ASP A 129 21.10 -23.56 49.03
CA ASP A 129 20.66 -24.00 50.34
CA ASP A 129 20.84 -23.99 50.42
C ASP A 129 20.36 -22.86 51.32
N LYS A 130 21.25 -21.93 51.56
CA LYS A 130 20.79 -20.91 52.50
C LYS A 130 20.67 -19.55 51.84
N LYS A 131 20.06 -19.52 50.66
CA LYS A 131 20.03 -18.30 49.87
C LYS A 131 18.67 -17.65 50.03
N SER A 132 18.69 -16.35 50.28
CA SER A 132 17.50 -15.61 50.58
C SER A 132 17.58 -14.18 50.07
N LEU A 133 16.43 -13.51 50.06
CA LEU A 133 16.35 -12.13 49.62
C LEU A 133 15.83 -11.26 50.77
N TRP A 134 16.53 -10.15 51.00
CA TRP A 134 16.14 -9.11 51.94
C TRP A 134 15.74 -7.89 51.13
N TYR A 135 14.51 -7.43 51.30
CA TYR A 135 13.99 -6.39 50.40
C TYR A 135 13.17 -5.30 51.09
N TRP A 136 13.07 -4.17 50.41
CA TRP A 136 12.31 -3.05 50.90
C TRP A 136 11.93 -2.17 49.72
N GLY A 137 11.08 -1.18 50.00
CA GLY A 137 10.64 -0.22 49.00
C GLY A 137 9.15 -0.30 48.75
N ASP A 138 8.76 -0.13 47.49
CA ASP A 138 7.34 -0.08 47.10
C ASP A 138 6.69 -1.46 47.07
N VAL A 139 6.88 -2.20 48.16
CA VAL A 139 6.39 -3.56 48.31
C VAL A 139 5.43 -3.64 49.51
N LYS A 140 4.53 -4.62 49.49
CA LYS A 140 3.55 -4.77 50.59
C LYS A 140 4.20 -5.16 51.89
N ASN A 141 5.03 -6.20 51.86
CA ASN A 141 5.62 -6.78 53.07
C ASN A 141 7.13 -6.76 53.06
N PRO A 142 7.74 -5.59 53.36
CA PRO A 142 9.22 -5.54 53.38
C PRO A 142 9.80 -6.47 54.46
N SER A 143 11.04 -6.91 54.26
CA SER A 143 11.70 -7.79 55.21
C SER A 143 11.61 -7.14 56.60
N SER A 144 10.99 -7.85 57.55
CA SER A 144 10.73 -7.28 58.86
C SER A 144 11.31 -8.13 60.00
N ALA A 145 11.61 -9.39 59.69
CA ALA A 145 12.17 -10.32 60.65
C ALA A 145 13.60 -9.92 61.06
N GLN A 146 14.20 -10.75 61.90
CA GLN A 146 15.51 -10.46 62.46
C GLN A 146 16.60 -10.78 61.45
N TRP A 147 17.28 -9.72 60.99
CA TRP A 147 18.42 -9.82 60.10
C TRP A 147 19.40 -10.92 60.55
N PRO A 148 19.82 -11.80 59.62
CA PRO A 148 19.63 -11.76 58.18
C PRO A 148 18.60 -12.76 57.65
N ASP A 149 17.54 -12.96 58.43
CA ASP A 149 16.43 -13.82 58.04
C ASP A 149 15.59 -13.18 56.92
N GLY A 150 16.02 -13.36 55.68
CA GLY A 150 15.28 -12.87 54.51
C GLY A 150 14.33 -13.93 53.98
N THR A 151 13.73 -13.69 52.82
CA THR A 151 12.80 -14.64 52.23
C THR A 151 13.61 -15.67 51.48
N ASP A 152 13.47 -16.93 51.88
CA ASP A 152 14.17 -18.06 51.23
C ASP A 152 13.88 -18.20 49.74
N PHE A 153 14.87 -18.63 48.97
CA PHE A 153 14.65 -19.00 47.57
C PHE A 153 14.40 -20.49 47.61
N THR A 154 13.13 -20.90 47.44
CA THR A 154 12.75 -22.32 47.50
C THR A 154 12.19 -22.85 46.17
N ALA A 155 11.44 -22.02 45.46
CA ALA A 155 10.84 -22.40 44.19
C ALA A 155 11.86 -22.34 43.05
N THR A 156 11.95 -23.41 42.27
CA THR A 156 12.84 -23.43 41.09
C THR A 156 12.06 -23.19 39.79
N GLY A 157 12.49 -22.20 39.01
CA GLY A 157 11.87 -21.87 37.71
C GLY A 157 12.79 -22.08 36.52
N LYS A 158 12.52 -21.40 35.41
CA LYS A 158 13.32 -21.49 34.17
C LYS A 158 14.68 -20.79 34.25
N TYR A 159 14.80 -19.79 35.12
CA TYR A 159 16.03 -18.96 35.17
C TYR A 159 16.68 -18.85 36.56
N GLY A 160 16.86 -19.99 37.21
CA GLY A 160 17.31 -20.06 38.58
C GLY A 160 16.10 -20.25 39.47
N ARG A 161 16.30 -20.15 40.78
CA ARG A 161 15.18 -20.06 41.70
C ARG A 161 14.56 -18.65 41.64
N TYR A 162 13.41 -18.48 42.28
CA TYR A 162 12.73 -17.19 42.19
C TYR A 162 11.86 -16.95 43.41
N ILE A 163 11.52 -15.69 43.63
CA ILE A 163 10.62 -15.29 44.70
C ILE A 163 9.57 -14.36 44.12
N ASP A 164 8.31 -14.59 44.46
CA ASP A 164 7.25 -13.63 44.10
C ASP A 164 6.99 -12.62 45.23
N ILE A 165 7.19 -11.35 44.93
CA ILE A 165 7.03 -10.29 45.90
C ILE A 165 5.75 -9.49 45.62
N PRO A 166 4.80 -9.52 46.56
CA PRO A 166 3.60 -8.65 46.44
C PRO A 166 3.98 -7.18 46.46
N LEU A 167 3.50 -6.43 45.47
CA LEU A 167 3.80 -5.00 45.40
C LEU A 167 2.67 -4.14 45.93
N ASN A 168 3.01 -2.88 46.18
CA ASN A 168 2.01 -1.85 46.42
C ASN A 168 1.37 -1.41 45.10
N GLU A 169 0.44 -0.45 45.17
CA GLU A 169 -0.19 0.10 43.97
C GLU A 169 0.78 1.11 43.37
N ALA A 170 0.82 1.17 42.03
CA ALA A 170 1.72 2.09 41.29
C ALA A 170 3.18 2.02 41.73
N ALA A 171 3.63 0.80 42.05
CA ALA A 171 4.99 0.52 42.50
C ALA A 171 6.01 0.96 41.46
N ARG A 172 7.12 1.56 41.93
CA ARG A 172 8.11 2.18 41.03
C ARG A 172 9.57 1.76 41.35
N GLU A 173 9.92 1.78 42.64
CA GLU A 173 11.27 1.48 43.15
C GLU A 173 11.21 0.40 44.20
N PHE A 174 12.17 -0.51 44.18
CA PHE A 174 12.47 -1.32 45.36
C PHE A 174 13.96 -1.63 45.47
N GLY A 175 14.42 -1.93 46.68
CA GLY A 175 15.81 -2.22 46.95
C GLY A 175 15.92 -3.62 47.49
N PHE A 176 17.09 -4.25 47.34
CA PHE A 176 17.23 -5.61 47.83
C PHE A 176 18.67 -6.05 48.06
N LEU A 177 18.81 -7.04 48.92
CA LEU A 177 20.08 -7.73 49.10
C LEU A 177 19.91 -9.23 48.89
N LEU A 178 20.80 -9.80 48.08
CA LEU A 178 20.98 -11.24 48.01
C LEU A 178 21.79 -11.74 49.20
N LEU A 179 21.25 -12.71 49.95
CA LEU A 179 21.89 -13.22 51.15
C LEU A 179 22.26 -14.69 51.08
N ASP A 180 23.37 -15.00 51.73
CA ASP A 180 23.76 -16.37 51.98
C ASP A 180 23.84 -16.53 53.50
N GLU A 181 22.79 -17.07 54.10
CA GLU A 181 22.69 -17.20 55.56
C GLU A 181 23.60 -18.27 56.20
N SER A 182 24.34 -19.02 55.36
CA SER A 182 25.37 -19.93 55.86
C SER A 182 26.65 -19.20 56.28
N LYS A 183 26.78 -17.93 55.85
CA LYS A 183 27.94 -17.12 56.26
C LYS A 183 27.68 -16.39 57.58
N GLN A 184 28.62 -15.54 58.00
CA GLN A 184 28.42 -14.79 59.24
C GLN A 184 28.67 -13.31 59.02
N GLY A 185 28.03 -12.46 59.82
CA GLY A 185 28.27 -11.03 59.76
C GLY A 185 28.05 -10.47 58.37
N ASP A 186 28.97 -9.62 57.92
CA ASP A 186 28.88 -8.97 56.61
C ASP A 186 28.90 -9.98 55.46
N ASP A 187 29.56 -11.12 55.65
CA ASP A 187 29.72 -12.07 54.55
C ASP A 187 28.43 -12.77 54.12
N VAL A 188 27.36 -12.55 54.88
CA VAL A 188 26.03 -12.98 54.51
C VAL A 188 25.51 -12.20 53.28
N LYS A 189 26.03 -10.99 53.06
CA LYS A 189 25.68 -10.26 51.84
C LYS A 189 26.54 -10.73 50.70
N ILE A 190 25.88 -11.23 49.68
CA ILE A 190 26.56 -11.80 48.51
C ILE A 190 27.29 -10.67 47.77
N ARG A 191 26.61 -9.53 47.63
CA ARG A 191 27.26 -8.26 47.32
C ARG A 191 27.03 -7.34 48.50
N LYS A 192 28.04 -6.58 48.88
CA LYS A 192 27.95 -5.78 50.12
C LYS A 192 27.03 -4.59 49.92
N GLU A 193 27.08 -3.98 48.74
CA GLU A 193 26.26 -2.79 48.47
C GLU A 193 24.84 -3.11 48.02
N ASN A 194 23.87 -2.28 48.43
CA ASN A 194 22.47 -2.50 48.07
C ASN A 194 22.25 -2.62 46.53
N TYR A 195 21.24 -3.41 46.14
CA TYR A 195 20.69 -3.36 44.80
C TYR A 195 19.47 -2.42 44.81
N LYS A 196 19.29 -1.59 43.78
CA LYS A 196 17.99 -0.86 43.61
C LYS A 196 17.44 -1.07 42.21
N PHE A 197 16.19 -1.50 42.13
CA PHE A 197 15.53 -1.58 40.83
C PHE A 197 14.54 -0.43 40.62
N THR A 198 14.78 0.29 39.52
CA THR A 198 14.21 1.60 39.22
C THR A 198 12.95 1.53 38.35
N ASP A 199 12.65 0.35 37.82
CA ASP A 199 11.70 0.26 36.73
C ASP A 199 10.60 -0.78 36.90
N LEU A 200 9.89 -0.69 38.02
CA LEU A 200 8.75 -1.58 38.27
C LEU A 200 7.51 -1.26 37.43
N LYS A 201 7.43 -0.05 36.88
CA LYS A 201 6.30 0.28 36.00
C LYS A 201 6.34 -0.52 34.69
N ASN A 202 7.55 -0.85 34.23
CA ASN A 202 7.75 -1.53 32.95
C ASN A 202 8.03 -3.03 32.98
N HIS A 203 8.55 -3.53 34.11
CA HIS A 203 8.92 -4.95 34.20
C HIS A 203 8.39 -5.67 35.44
N SER A 204 7.86 -6.88 35.25
CA SER A 204 7.33 -7.69 36.34
C SER A 204 8.22 -8.89 36.69
N GLN A 205 9.34 -9.03 35.98
CA GLN A 205 10.39 -9.96 36.36
C GLN A 205 11.74 -9.24 36.30
N ILE A 206 12.64 -9.57 37.23
CA ILE A 206 14.03 -9.17 37.11
C ILE A 206 14.90 -10.43 37.24
N PHE A 207 16.14 -10.33 36.78
CA PHE A 207 17.01 -11.49 36.68
C PHE A 207 18.40 -11.21 37.22
N LEU A 208 18.76 -12.01 38.21
CA LEU A 208 20.03 -11.91 38.91
C LEU A 208 20.81 -13.22 38.78
N LYS A 209 22.14 -13.13 38.76
CA LYS A 209 22.97 -14.34 38.83
C LYS A 209 24.18 -14.16 39.73
N ASP A 210 24.59 -15.25 40.38
CA ASP A 210 25.83 -15.31 41.18
C ASP A 210 26.08 -14.09 42.08
N ASP A 211 27.20 -13.38 41.89
CA ASP A 211 27.39 -12.08 42.56
C ASP A 211 27.49 -10.92 41.56
N ASP A 212 26.77 -11.03 40.44
CA ASP A 212 26.72 -10.01 39.41
C ASP A 212 25.96 -8.76 39.92
N GLU A 213 26.56 -7.58 39.75
CA GLU A 213 25.96 -6.32 40.20
C GLU A 213 24.76 -5.88 39.37
N SER A 214 24.67 -6.34 38.14
CA SER A 214 23.67 -5.82 37.22
C SER A 214 22.31 -6.44 37.46
N ILE A 215 21.26 -5.63 37.42
CA ILE A 215 19.92 -6.12 37.50
C ILE A 215 19.44 -6.27 36.06
N TYR A 216 19.22 -7.51 35.62
CA TYR A 216 18.83 -7.74 34.22
C TYR A 216 17.33 -7.78 34.06
N THR A 217 16.89 -7.45 32.86
CA THR A 217 15.49 -7.29 32.55
C THR A 217 15.02 -8.36 31.56
N ASN A 218 15.90 -9.32 31.30
CA ASN A 218 15.65 -10.46 30.42
C ASN A 218 16.45 -11.65 30.93
N PRO A 219 15.99 -12.88 30.66
CA PRO A 219 16.64 -14.07 31.20
C PRO A 219 17.95 -14.47 30.52
N TYR A 220 18.48 -13.64 29.63
CA TYR A 220 19.69 -13.98 28.87
C TYR A 220 20.88 -13.11 29.25
N TYR A 221 20.69 -12.34 30.32
CA TYR A 221 21.73 -11.49 30.92
C TYR A 221 22.42 -10.59 29.90
N VAL A 222 21.66 -10.03 28.97
CA VAL A 222 22.26 -9.01 28.12
C VAL A 222 21.91 -7.66 28.73
N HIS A 223 22.87 -6.75 28.68
CA HIS A 223 22.69 -5.44 29.28
C HIS A 223 21.74 -4.58 28.46
N ASP A 224 21.25 -3.53 29.10
CA ASP A 224 20.37 -2.57 28.45
C ASP A 224 21.08 -1.77 27.37
N ILE A 225 22.31 -1.33 27.65
CA ILE A 225 23.14 -0.63 26.65
C ILE A 225 24.01 -1.61 25.86
N ARG A 226 23.75 -1.72 24.56
CA ARG A 226 24.53 -2.60 23.69
C ARG A 226 24.52 -2.11 22.25
N MET A 227 25.51 -2.54 21.47
CA MET A 227 25.65 -2.09 20.08
C MET A 227 24.82 -2.97 19.15
N THR A 228 24.26 -2.39 18.08
CA THR A 228 23.47 -3.16 17.11
C THR A 228 23.92 -3.05 15.65
N GLY A 229 24.79 -2.09 15.34
CA GLY A 229 25.34 -1.96 13.98
C GLY A 229 26.57 -1.07 13.84
N ALA A 230 27.27 -1.21 12.71
CA ALA A 230 28.44 -0.36 12.42
C ALA A 230 28.58 0.05 10.94
N GLN A 231 28.87 1.34 10.72
CA GLN A 231 29.14 1.95 9.38
C GLN A 231 29.77 3.35 9.61
N HIS A 232 30.53 3.96 8.69
CA HIS A 232 30.91 3.56 7.31
C HIS A 232 29.81 3.66 6.25
N GLU A 239 30.01 5.32 12.90
CA GLU A 239 28.68 5.50 13.51
C GLU A 239 27.99 4.18 13.86
N SER A 240 27.72 3.99 15.14
CA SER A 240 27.14 2.74 15.64
C SER A 240 25.71 2.83 16.14
N SER A 241 24.88 1.91 15.64
CA SER A 241 23.53 1.68 16.16
C SER A 241 23.60 1.13 17.59
N PHE A 242 22.82 1.72 18.49
CA PHE A 242 22.71 1.22 19.86
C PHE A 242 21.24 0.91 20.21
N SER A 243 21.05 0.06 21.22
CA SER A 243 19.71 -0.23 21.75
C SER A 243 19.20 0.96 22.57
N THR A 244 20.07 1.56 23.38
CA THR A 244 19.81 2.82 24.11
C THR A 244 21.12 3.43 24.61
N LEU A 245 21.06 4.58 25.31
CA LEU A 245 22.25 5.29 25.82
C LEU A 245 22.10 6.06 27.14
N ILE A 253 32.20 4.40 27.76
CA ILE A 253 32.01 4.03 26.36
C ILE A 253 33.35 3.93 25.64
N LEU A 254 34.21 4.92 25.88
CA LEU A 254 35.56 4.95 25.27
C LEU A 254 36.31 3.70 25.68
N LYS A 255 36.26 3.38 26.97
CA LYS A 255 36.93 2.22 27.54
C LYS A 255 36.62 0.91 26.80
N HIS A 256 35.33 0.65 26.57
CA HIS A 256 34.88 -0.66 26.08
C HIS A 256 34.82 -0.84 24.55
N SER A 257 35.17 0.20 23.79
CA SER A 257 35.07 0.14 22.32
C SER A 257 36.41 -0.16 21.65
N ASN A 258 36.38 -0.93 20.57
CA ASN A 258 37.58 -1.36 19.82
C ASN A 258 37.33 -1.47 18.30
N ILE A 259 38.38 -1.26 17.49
CA ILE A 259 38.26 -1.37 16.02
C ILE A 259 39.57 -1.72 15.28
N THR A 260 39.53 -2.78 14.46
CA THR A 260 40.68 -3.26 13.68
C THR A 260 40.32 -3.53 12.22
N ASN A 261 40.99 -4.52 11.61
CA ASN A 261 40.65 -5.03 10.27
C ASN A 261 40.82 -6.55 10.18
N ILE A 274 28.22 10.15 19.81
CA ILE A 274 27.54 10.14 21.10
C ILE A 274 26.15 10.84 21.14
N ASP A 275 25.32 10.55 20.14
CA ASP A 275 23.98 11.15 20.00
C ASP A 275 22.90 10.26 20.64
N GLU A 276 22.54 10.57 21.89
CA GLU A 276 21.69 9.68 22.68
C GLU A 276 20.19 9.73 22.37
N ALA A 277 19.71 10.86 21.88
CA ALA A 277 18.31 11.01 21.52
C ALA A 277 18.01 10.16 20.29
N GLY A 278 18.96 10.12 19.36
CA GLY A 278 18.88 9.23 18.20
C GLY A 278 19.48 7.85 18.43
N LYS A 279 19.93 7.60 19.66
CA LYS A 279 20.58 6.34 20.07
C LYS A 279 21.74 5.94 19.13
N LYS A 280 22.68 6.86 18.96
CA LYS A 280 23.80 6.68 18.04
C LYS A 280 25.14 7.09 18.69
N VAL A 281 26.22 6.45 18.22
CA VAL A 281 27.58 6.75 18.68
C VAL A 281 28.52 6.83 17.46
N THR A 282 29.31 7.90 17.37
CA THR A 282 30.25 8.11 16.25
C THR A 282 31.70 8.01 16.71
N THR A 290 39.66 4.42 3.99
CA THR A 290 39.95 3.08 3.51
C THR A 290 38.75 2.41 2.80
N LYS A 291 39.00 1.80 1.65
CA LYS A 291 37.93 1.26 0.81
C LYS A 291 37.72 -0.25 0.94
N HIS A 292 37.64 -0.72 2.19
CA HIS A 292 37.35 -2.14 2.51
C HIS A 292 36.84 -2.30 3.96
N PRO A 293 36.18 -3.44 4.28
CA PRO A 293 35.48 -3.70 5.57
C PRO A 293 36.32 -3.59 6.85
N TYR A 294 35.73 -2.96 7.88
CA TYR A 294 36.31 -2.85 9.23
C TYR A 294 35.54 -3.74 10.23
N THR A 295 36.04 -3.83 11.46
CA THR A 295 35.43 -4.66 12.50
C THR A 295 35.32 -3.90 13.83
N VAL A 296 34.08 -3.72 14.29
CA VAL A 296 33.79 -2.90 15.46
C VAL A 296 33.16 -3.74 16.59
N SER A 297 33.60 -3.49 17.83
CA SER A 297 33.08 -4.18 19.03
C SER A 297 32.90 -3.27 20.26
N TYR A 298 31.77 -3.43 20.94
CA TYR A 298 31.54 -2.84 22.26
C TYR A 298 31.27 -3.99 23.23
N ASN A 299 32.19 -4.17 24.19
CA ASN A 299 32.24 -5.37 25.03
C ASN A 299 32.24 -6.65 24.21
N SER A 300 31.10 -7.33 24.21
CA SER A 300 30.99 -8.68 23.67
C SER A 300 30.42 -8.75 22.26
N ASP A 301 29.77 -7.68 21.78
CA ASP A 301 29.10 -7.71 20.49
C ASP A 301 29.97 -7.18 19.34
N GLN A 302 30.23 -8.04 18.37
CA GLN A 302 31.15 -7.71 17.27
C GLN A 302 30.43 -7.63 15.92
N PHE A 303 30.72 -6.56 15.19
CA PHE A 303 30.04 -6.26 13.91
C PHE A 303 31.00 -6.03 12.75
N THR A 304 30.70 -6.64 11.62
CA THR A 304 31.38 -6.34 10.36
C THR A 304 30.73 -5.10 9.72
N THR A 305 31.58 -4.13 9.39
CA THR A 305 31.16 -2.87 8.77
C THR A 305 30.57 -3.08 7.37
N LYS A 306 29.54 -2.27 7.05
CA LYS A 306 28.96 -2.20 5.70
C LYS A 306 29.05 -0.76 5.16
N THR A 307 29.14 -0.65 3.84
CA THR A 307 29.27 0.64 3.16
C THR A 307 27.93 1.36 3.10
N SER A 308 27.96 2.67 3.35
CA SER A 308 26.79 3.52 3.18
C SER A 308 26.44 3.54 1.71
N TRP A 309 25.15 3.65 1.42
CA TRP A 309 24.72 3.76 0.04
C TRP A 309 25.36 4.99 -0.60
N ARG A 310 25.52 6.04 0.20
CA ARG A 310 26.08 7.31 -0.25
C ARG A 310 27.53 7.16 -0.74
N LEU A 311 28.35 6.42 -0.01
CA LEU A 311 29.72 6.11 -0.44
C LEU A 311 29.72 5.32 -1.75
N LYS A 312 28.85 4.32 -1.80
CA LYS A 312 28.66 3.53 -2.99
C LYS A 312 28.42 4.44 -4.19
N ASP A 313 27.57 5.44 -4.00
CA ASP A 313 27.20 6.41 -5.05
C ASP A 313 28.38 7.26 -5.54
N GLU A 314 29.29 7.61 -4.63
CA GLU A 314 30.49 8.37 -4.99
C GLU A 314 31.34 7.62 -6.02
N THR A 315 31.49 6.31 -5.82
CA THR A 315 32.39 5.51 -6.61
C THR A 315 31.77 4.79 -7.80
N TYR A 316 30.50 4.40 -7.69
CA TYR A 316 29.87 3.59 -8.73
C TYR A 316 28.68 4.18 -9.45
N SER A 317 28.35 5.45 -9.20
CA SER A 317 27.21 6.04 -9.86
C SER A 317 27.44 5.98 -11.36
N TYR A 318 26.61 5.21 -12.04
CA TYR A 318 26.79 4.92 -13.45
C TYR A 318 25.62 5.47 -14.24
N ASP A 319 25.92 6.16 -15.34
CA ASP A 319 24.89 6.80 -16.11
C ASP A 319 24.78 6.29 -17.56
N GLY A 320 25.55 5.26 -17.91
CA GLY A 320 25.46 4.64 -19.24
C GLY A 320 24.24 3.74 -19.38
N LYS A 321 23.99 3.25 -20.59
CA LYS A 321 22.85 2.35 -20.87
C LYS A 321 22.87 1.11 -19.98
N LEU A 322 21.68 0.64 -19.58
CA LEU A 322 21.59 -0.57 -18.78
C LEU A 322 20.58 -1.48 -19.44
N GLY A 323 20.78 -2.79 -19.27
CA GLY A 323 19.83 -3.77 -19.79
C GLY A 323 20.42 -4.65 -20.87
N ALA A 324 19.53 -5.30 -21.62
CA ALA A 324 19.89 -6.20 -22.71
C ALA A 324 19.33 -5.64 -24.00
N ASP A 325 20.19 -4.99 -24.80
CA ASP A 325 19.71 -4.45 -26.06
C ASP A 325 20.03 -5.33 -27.25
N LEU A 326 18.96 -5.76 -27.88
CA LEU A 326 18.93 -6.71 -28.96
C LEU A 326 19.12 -5.98 -30.29
N LYS A 327 20.24 -6.25 -30.96
CA LYS A 327 20.61 -5.52 -32.19
C LYS A 327 20.88 -6.47 -33.36
N GLU A 328 21.34 -5.89 -34.47
CA GLU A 328 21.71 -6.65 -35.66
C GLU A 328 20.64 -7.64 -36.00
N GLU A 329 19.40 -7.18 -36.01
CA GLU A 329 18.25 -8.00 -36.37
C GLU A 329 18.15 -9.30 -35.52
N GLY A 330 18.49 -9.20 -34.24
CA GLY A 330 18.44 -10.35 -33.31
C GLY A 330 19.76 -11.12 -33.10
N LYS A 331 20.73 -10.88 -33.98
CA LYS A 331 21.97 -11.64 -34.02
C LYS A 331 23.00 -11.16 -33.00
N GLN A 332 22.69 -10.07 -32.32
CA GLN A 332 23.57 -9.56 -31.27
C GLN A 332 22.82 -8.99 -30.05
N VAL A 333 23.42 -9.14 -28.88
CA VAL A 333 22.86 -8.57 -27.65
C VAL A 333 23.96 -7.87 -26.88
N ASP A 334 23.78 -6.59 -26.56
CA ASP A 334 24.68 -5.90 -25.64
C ASP A 334 24.14 -5.90 -24.21
N LEU A 335 24.87 -6.54 -23.30
CA LEU A 335 24.44 -6.65 -21.90
C LEU A 335 25.20 -5.68 -21.01
N THR A 336 24.47 -5.02 -20.10
CA THR A 336 25.09 -4.22 -19.05
C THR A 336 24.32 -4.34 -17.74
N LEU A 337 25.02 -4.77 -16.71
CA LEU A 337 24.45 -4.88 -15.39
C LEU A 337 25.32 -4.14 -14.40
N TRP A 338 24.69 -3.30 -13.60
CA TRP A 338 25.35 -2.65 -12.48
C TRP A 338 25.38 -3.59 -11.29
N SER A 339 26.58 -4.02 -10.92
CA SER A 339 26.78 -4.87 -9.73
C SER A 339 28.19 -4.69 -9.16
N PRO A 340 28.38 -3.61 -8.38
CA PRO A 340 29.71 -3.22 -7.87
C PRO A 340 30.40 -4.26 -7.00
N SER A 341 29.68 -4.87 -6.08
CA SER A 341 30.27 -5.82 -5.13
C SER A 341 30.47 -7.23 -5.67
N ALA A 342 30.22 -7.48 -6.95
CA ALA A 342 30.34 -8.86 -7.44
C ALA A 342 31.78 -9.29 -7.74
N ASP A 343 32.05 -10.57 -7.54
CA ASP A 343 33.34 -11.15 -7.91
C ASP A 343 33.29 -11.60 -9.35
N LYS A 344 32.20 -12.26 -9.71
CA LYS A 344 31.98 -12.73 -11.07
C LYS A 344 30.50 -12.54 -11.41
N VAL A 345 30.23 -12.40 -12.70
CA VAL A 345 28.86 -12.32 -13.17
C VAL A 345 28.80 -13.06 -14.46
N SER A 346 27.85 -14.00 -14.56
CA SER A 346 27.51 -14.62 -15.82
C SER A 346 26.04 -14.48 -16.13
N VAL A 347 25.73 -14.39 -17.41
CA VAL A 347 24.37 -14.52 -17.88
C VAL A 347 24.06 -16.00 -18.13
N VAL A 348 22.97 -16.48 -17.54
CA VAL A 348 22.47 -17.80 -17.85
C VAL A 348 21.37 -17.69 -18.89
N VAL A 349 21.55 -18.38 -20.02
CA VAL A 349 20.65 -18.31 -21.14
C VAL A 349 19.79 -19.58 -21.19
N TYR A 350 18.47 -19.39 -21.17
CA TYR A 350 17.53 -20.51 -21.25
C TYR A 350 16.85 -20.57 -22.61
N ASP A 351 16.40 -21.76 -22.99
CA ASP A 351 15.83 -21.98 -24.33
C ASP A 351 14.51 -21.24 -24.57
N LYS A 352 14.43 -20.60 -25.72
CA LYS A 352 13.24 -19.89 -26.18
C LYS A 352 11.96 -20.73 -26.19
N ASN A 353 12.11 -22.04 -26.44
CA ASN A 353 10.97 -22.94 -26.51
C ASN A 353 10.68 -23.75 -25.24
N ASP A 354 11.67 -23.86 -24.36
CA ASP A 354 11.50 -24.52 -23.08
C ASP A 354 12.39 -23.80 -22.10
N PRO A 355 11.82 -22.82 -21.38
CA PRO A 355 12.59 -21.94 -20.47
C PRO A 355 13.28 -22.70 -19.32
N ASP A 356 12.83 -23.92 -19.04
CA ASP A 356 13.44 -24.78 -18.02
C ASP A 356 14.82 -25.27 -18.44
N LYS A 357 15.03 -25.42 -19.75
CA LYS A 357 16.29 -25.92 -20.31
C LYS A 357 17.36 -24.81 -20.32
N VAL A 358 18.49 -25.07 -19.68
CA VAL A 358 19.59 -24.13 -19.71
C VAL A 358 20.38 -24.41 -20.97
N VAL A 359 20.67 -23.38 -21.77
CA VAL A 359 21.46 -23.62 -22.98
C VAL A 359 22.94 -23.48 -22.65
N GLY A 360 23.27 -22.50 -21.82
CA GLY A 360 24.62 -22.32 -21.34
C GLY A 360 24.84 -21.02 -20.59
N THR A 361 26.11 -20.67 -20.40
CA THR A 361 26.49 -19.49 -19.63
C THR A 361 27.63 -18.73 -20.30
N VAL A 362 27.65 -17.41 -20.11
CA VAL A 362 28.66 -16.57 -20.71
C VAL A 362 29.08 -15.60 -19.65
N ALA A 363 30.38 -15.59 -19.35
CA ALA A 363 30.91 -14.71 -18.32
C ALA A 363 30.79 -13.28 -18.81
N LEU A 364 30.42 -12.38 -17.89
CA LEU A 364 30.53 -10.96 -18.17
C LEU A 364 31.89 -10.48 -17.66
N GLU A 365 32.39 -9.38 -18.23
CA GLU A 365 33.64 -8.77 -17.78
C GLU A 365 33.33 -7.41 -17.15
N LYS A 366 34.25 -6.95 -16.32
CA LYS A 366 34.11 -5.68 -15.64
C LYS A 366 33.95 -4.56 -16.65
N GLY A 367 33.20 -3.54 -16.26
CA GLY A 367 33.15 -2.30 -17.01
C GLY A 367 33.32 -1.13 -16.08
N GLU A 368 33.12 0.05 -16.64
CA GLU A 368 33.17 1.32 -15.91
C GLU A 368 32.17 1.36 -14.73
N ARG A 369 32.58 1.91 -13.60
CA ARG A 369 31.64 2.29 -12.54
C ARG A 369 30.79 1.13 -12.00
N GLY A 370 31.46 0.00 -11.75
CA GLY A 370 30.83 -1.14 -11.13
C GLY A 370 29.92 -1.95 -12.04
N THR A 371 29.92 -1.66 -13.33
CA THR A 371 29.16 -2.45 -14.28
C THR A 371 29.86 -3.73 -14.73
N TRP A 372 29.07 -4.58 -15.36
CA TRP A 372 29.53 -5.79 -15.99
C TRP A 372 28.89 -5.75 -17.37
N LYS A 373 29.63 -6.18 -18.38
CA LYS A 373 29.19 -6.06 -19.76
C LYS A 373 29.58 -7.28 -20.57
N GLN A 374 28.92 -7.44 -21.71
CA GLN A 374 29.26 -8.50 -22.62
C GLN A 374 28.47 -8.28 -23.89
N THR A 375 29.06 -8.65 -25.03
CA THR A 375 28.30 -8.65 -26.27
C THR A 375 28.09 -10.08 -26.70
N LEU A 376 26.82 -10.47 -26.81
CA LEU A 376 26.51 -11.78 -27.38
C LEU A 376 26.33 -11.55 -28.88
N ASP A 377 27.09 -12.29 -29.68
CA ASP A 377 27.00 -12.18 -31.13
C ASP A 377 27.27 -13.53 -31.79
N SER A 378 27.52 -13.53 -33.10
CA SER A 378 27.67 -14.77 -33.89
C SER A 378 28.83 -15.64 -33.40
N THR A 379 29.60 -15.06 -32.48
CA THR A 379 30.80 -15.65 -31.88
C THR A 379 30.45 -16.57 -30.69
N ASN A 380 29.15 -16.60 -30.32
CA ASN A 380 28.71 -17.34 -29.13
C ASN A 380 28.94 -18.84 -29.19
N LYS A 381 29.12 -19.45 -28.02
CA LYS A 381 29.25 -20.87 -27.93
C LYS A 381 27.95 -21.37 -27.30
N LEU A 382 26.82 -20.90 -27.82
CA LEU A 382 25.49 -21.33 -27.33
C LEU A 382 24.70 -22.04 -28.44
N GLY A 383 25.30 -22.14 -29.63
CA GLY A 383 24.61 -22.66 -30.80
C GLY A 383 23.44 -21.79 -31.25
N ILE A 384 23.46 -20.53 -30.84
CA ILE A 384 22.37 -19.59 -31.15
C ILE A 384 22.73 -18.68 -32.34
N THR A 385 21.80 -18.55 -33.30
CA THR A 385 21.91 -17.57 -34.40
C THR A 385 21.09 -16.32 -34.08
N ASP A 386 19.77 -16.49 -33.90
CA ASP A 386 18.87 -15.39 -33.53
C ASP A 386 18.46 -15.43 -32.04
N PHE A 387 18.96 -14.47 -31.27
CA PHE A 387 18.73 -14.43 -29.81
C PHE A 387 17.30 -14.09 -29.38
N THR A 388 16.49 -13.60 -30.33
CA THR A 388 15.11 -13.15 -30.05
C THR A 388 14.33 -14.27 -29.38
N GLY A 389 13.80 -13.97 -28.19
CA GLY A 389 12.87 -14.86 -27.51
C GLY A 389 13.55 -15.80 -26.54
N TYR A 390 14.89 -15.85 -26.59
CA TYR A 390 15.64 -16.56 -25.57
C TYR A 390 15.53 -15.81 -24.26
N TYR A 391 15.63 -16.57 -23.16
CA TYR A 391 15.47 -16.06 -21.82
C TYR A 391 16.78 -16.03 -21.04
N TYR A 392 16.83 -15.25 -19.97
CA TYR A 392 18.08 -15.10 -19.22
C TYR A 392 17.92 -14.61 -17.81
N GLN A 393 18.88 -15.01 -16.96
CA GLN A 393 19.03 -14.52 -15.60
C GLN A 393 20.50 -14.22 -15.36
N TYR A 394 20.80 -13.57 -14.25
CA TYR A 394 22.17 -13.24 -13.94
C TYR A 394 22.66 -14.07 -12.76
N GLN A 395 23.71 -14.85 -13.01
CA GLN A 395 24.36 -15.64 -11.99
C GLN A 395 25.43 -14.74 -11.36
N ILE A 396 25.24 -14.40 -10.09
CA ILE A 396 26.12 -13.45 -9.45
C ILE A 396 26.88 -14.09 -8.29
N GLU A 397 28.20 -13.99 -8.35
CA GLU A 397 29.06 -14.57 -7.31
C GLU A 397 29.65 -13.50 -6.40
N ARG A 398 29.39 -13.66 -5.10
CA ARG A 398 29.93 -12.76 -4.07
C ARG A 398 30.38 -13.59 -2.90
N GLN A 399 31.62 -13.35 -2.47
CA GLN A 399 32.24 -14.01 -1.32
C GLN A 399 32.02 -15.52 -1.38
N GLY A 400 32.21 -16.08 -2.57
CA GLY A 400 32.05 -17.52 -2.78
C GLY A 400 30.63 -18.05 -2.75
N LYS A 401 29.64 -17.15 -2.75
CA LYS A 401 28.22 -17.54 -2.81
C LYS A 401 27.53 -16.99 -4.06
N THR A 402 26.62 -17.80 -4.59
CA THR A 402 26.03 -17.57 -5.91
C THR A 402 24.51 -17.44 -5.80
N VAL A 403 23.97 -16.46 -6.53
CA VAL A 403 22.53 -16.25 -6.62
C VAL A 403 22.14 -16.06 -8.09
N LEU A 404 20.87 -16.32 -8.37
CA LEU A 404 20.27 -16.03 -9.67
C LEU A 404 19.32 -14.85 -9.57
N ALA A 405 19.61 -13.83 -10.38
CA ALA A 405 18.92 -12.56 -10.28
C ALA A 405 18.27 -12.17 -11.58
N LEU A 406 17.16 -11.43 -11.47
CA LEU A 406 16.45 -10.89 -12.63
C LEU A 406 17.02 -9.54 -12.99
N ASP A 407 17.38 -9.38 -14.26
CA ASP A 407 17.83 -8.10 -14.83
C ASP A 407 16.75 -7.02 -14.58
N PRO A 408 17.06 -5.99 -13.78
CA PRO A 408 16.02 -5.01 -13.50
C PRO A 408 15.52 -4.32 -14.76
N TYR A 409 16.32 -4.34 -15.82
CA TYR A 409 15.97 -3.65 -17.07
C TYR A 409 15.37 -4.57 -18.14
N ALA A 410 14.89 -5.75 -17.74
CA ALA A 410 14.29 -6.70 -18.67
C ALA A 410 13.06 -6.11 -19.34
N LYS A 411 12.92 -6.37 -20.64
CA LYS A 411 11.90 -5.74 -21.47
C LYS A 411 10.67 -6.62 -21.68
N SER A 412 10.85 -7.91 -21.41
CA SER A 412 9.76 -8.87 -21.30
C SER A 412 10.24 -10.07 -20.48
N LEU A 413 9.37 -11.07 -20.32
CA LEU A 413 9.65 -12.15 -19.37
C LEU A 413 9.11 -13.49 -19.85
N ALA A 414 9.67 -14.58 -19.31
CA ALA A 414 9.07 -15.89 -19.45
C ALA A 414 7.76 -15.89 -18.68
N ALA A 415 6.78 -16.65 -19.16
CA ALA A 415 5.54 -16.87 -18.42
C ALA A 415 5.90 -17.15 -16.95
N TRP A 416 5.19 -16.48 -16.05
CA TRP A 416 5.54 -16.51 -14.63
C TRP A 416 4.47 -17.16 -13.74
N ASN A 417 4.91 -18.07 -12.87
CA ASN A 417 4.01 -18.68 -11.90
C ASN A 417 4.68 -18.73 -10.53
N SER A 418 4.22 -17.86 -9.62
CA SER A 418 4.85 -17.78 -8.30
C SER A 418 4.61 -19.06 -7.47
N ASP A 419 3.61 -19.85 -7.83
CA ASP A 419 3.36 -21.13 -7.17
C ASP A 419 4.50 -22.13 -7.38
N ASP A 420 5.33 -21.89 -8.40
CA ASP A 420 6.52 -22.72 -8.70
C ASP A 420 7.81 -22.12 -8.15
N SER A 421 7.72 -21.10 -7.32
CA SER A 421 8.90 -20.37 -6.87
C SER A 421 9.84 -21.17 -5.95
N LYS A 422 9.33 -22.25 -5.38
CA LYS A 422 10.12 -23.11 -4.49
C LYS A 422 10.86 -24.28 -5.21
N ILE A 423 10.64 -24.46 -6.51
CA ILE A 423 11.25 -25.53 -7.29
C ILE A 423 12.80 -25.51 -7.29
N ASP A 424 13.39 -24.34 -7.50
CA ASP A 424 14.86 -24.15 -7.50
C ASP A 424 15.15 -22.64 -7.50
N ASP A 425 16.43 -22.26 -7.45
CA ASP A 425 16.83 -20.85 -7.52
C ASP A 425 16.33 -20.17 -8.78
N ALA A 426 16.25 -20.90 -9.88
CA ALA A 426 15.87 -20.34 -11.16
C ALA A 426 14.39 -19.90 -11.17
N HIS A 427 13.59 -20.56 -10.34
CA HIS A 427 12.16 -20.27 -10.25
C HIS A 427 11.77 -19.23 -9.19
N LYS A 428 12.76 -18.70 -8.47
CA LYS A 428 12.51 -17.78 -7.37
C LYS A 428 12.15 -16.37 -7.85
N VAL A 429 12.65 -16.00 -9.04
CA VAL A 429 12.33 -14.74 -9.70
C VAL A 429 12.15 -15.07 -11.17
N ALA A 430 11.53 -14.16 -11.93
CA ALA A 430 11.21 -14.44 -13.32
C ALA A 430 12.47 -14.54 -14.16
N LYS A 431 12.33 -15.17 -15.32
CA LYS A 431 13.37 -15.13 -16.34
C LYS A 431 13.07 -14.01 -17.34
N ALA A 432 14.07 -13.17 -17.60
CA ALA A 432 13.92 -12.11 -18.61
C ALA A 432 13.95 -12.68 -20.02
N ALA A 433 13.54 -11.88 -21.01
CA ALA A 433 13.59 -12.30 -22.41
C ALA A 433 14.38 -11.31 -23.26
N PHE A 434 15.03 -11.80 -24.29
CA PHE A 434 15.67 -10.92 -25.27
C PHE A 434 14.58 -10.57 -26.29
N VAL A 435 14.19 -9.28 -26.31
CA VAL A 435 13.14 -8.77 -27.22
C VAL A 435 13.49 -7.39 -27.77
N ASP A 436 12.81 -6.99 -28.86
CA ASP A 436 12.99 -5.67 -29.49
C ASP A 436 11.62 -4.99 -29.67
N PRO A 437 11.19 -4.19 -28.68
CA PRO A 437 9.81 -3.65 -28.68
C PRO A 437 9.43 -2.84 -29.94
N ALA A 438 10.33 -1.97 -30.41
CA ALA A 438 10.05 -1.07 -31.55
C ALA A 438 9.45 -1.80 -32.75
N LYS A 439 10.00 -2.98 -33.03
CA LYS A 439 9.63 -3.82 -34.16
C LYS A 439 8.25 -4.44 -33.99
N LEU A 440 7.73 -4.43 -32.76
CA LEU A 440 6.50 -5.15 -32.46
C LEU A 440 5.26 -4.26 -32.41
N GLY A 441 4.11 -4.85 -32.72
CA GLY A 441 2.83 -4.12 -32.66
C GLY A 441 2.61 -3.13 -33.79
N PRO A 442 1.47 -2.40 -33.73
CA PRO A 442 1.14 -1.36 -34.71
C PRO A 442 2.29 -0.35 -34.85
N GLN A 443 2.83 -0.24 -36.07
CA GLN A 443 4.00 0.60 -36.31
C GLN A 443 3.67 2.08 -36.38
N ASP A 444 2.40 2.40 -36.62
CA ASP A 444 1.91 3.79 -36.59
C ASP A 444 1.76 4.40 -35.18
N LEU A 445 2.07 3.63 -34.12
CA LEU A 445 1.86 4.06 -32.72
C LEU A 445 2.62 5.30 -32.28
N THR A 446 1.87 6.27 -31.75
CA THR A 446 2.42 7.52 -31.27
C THR A 446 1.56 8.08 -30.14
N TYR A 447 1.97 9.19 -29.57
CA TYR A 447 1.18 9.86 -28.53
C TYR A 447 -0.26 10.20 -28.96
N GLY A 448 -1.17 10.12 -28.00
CA GLY A 448 -2.57 10.46 -28.24
C GLY A 448 -2.78 11.92 -28.58
N LYS A 449 -3.81 12.19 -29.37
CA LYS A 449 -4.26 13.56 -29.64
C LYS A 449 -5.64 13.64 -29.00
N ILE A 450 -5.66 14.06 -27.74
CA ILE A 450 -6.77 13.75 -26.84
C ILE A 450 -7.88 14.80 -26.91
N HIS A 451 -9.09 14.34 -27.23
CA HIS A 451 -10.21 15.27 -27.41
C HIS A 451 -10.47 16.06 -26.12
N ASN A 452 -10.77 17.35 -26.28
CA ASN A 452 -11.18 18.25 -25.19
C ASN A 452 -10.16 18.35 -24.11
N PHE A 453 -8.90 18.32 -24.52
CA PHE A 453 -7.82 18.29 -23.55
C PHE A 453 -6.69 19.20 -24.00
N LYS A 454 -6.34 20.17 -23.15
CA LYS A 454 -5.25 21.11 -23.40
C LYS A 454 -4.29 21.20 -22.24
N THR A 455 -4.81 21.15 -21.01
CA THR A 455 -3.99 21.13 -19.81
C THR A 455 -4.59 20.18 -18.78
N ARG A 456 -3.90 20.01 -17.65
CA ARG A 456 -4.30 18.99 -16.67
C ARG A 456 -5.72 19.15 -16.10
N GLU A 457 -6.17 20.40 -15.92
CA GLU A 457 -7.56 20.69 -15.54
C GLU A 457 -8.60 20.14 -16.51
N ASP A 458 -8.18 19.84 -17.74
CA ASP A 458 -9.10 19.42 -18.80
C ASP A 458 -9.34 17.92 -18.84
N ALA A 459 -8.57 17.19 -18.04
CA ALA A 459 -8.59 15.72 -18.12
C ALA A 459 -9.74 15.16 -17.30
N VAL A 460 -10.27 14.04 -17.79
CA VAL A 460 -11.31 13.30 -17.12
C VAL A 460 -10.81 11.86 -17.06
N ILE A 461 -10.34 11.47 -15.87
CA ILE A 461 -9.64 10.20 -15.69
C ILE A 461 -10.61 9.07 -15.29
N TYR A 462 -10.49 7.93 -15.96
CA TYR A 462 -11.36 6.76 -15.76
C TYR A 462 -10.48 5.57 -15.39
N GLU A 463 -10.66 5.05 -14.17
CA GLU A 463 -9.76 4.05 -13.59
C GLU A 463 -10.26 2.63 -13.73
N ALA A 464 -9.63 1.85 -14.61
CA ALA A 464 -10.02 0.46 -14.91
C ALA A 464 -8.89 -0.58 -14.74
N HIS A 465 -9.29 -1.80 -14.35
CA HIS A 465 -8.39 -2.93 -14.30
C HIS A 465 -8.63 -3.72 -15.58
N VAL A 466 -7.56 -4.05 -16.30
CA VAL A 466 -7.65 -4.75 -17.58
C VAL A 466 -8.53 -5.99 -17.48
N ARG A 467 -8.33 -6.81 -16.45
CA ARG A 467 -9.15 -8.00 -16.31
C ARG A 467 -10.61 -7.68 -16.01
N ASP A 468 -10.87 -6.80 -15.02
CA ASP A 468 -12.26 -6.45 -14.63
C ASP A 468 -13.08 -6.01 -15.83
N PHE A 469 -12.46 -5.20 -16.67
CA PHE A 469 -13.21 -4.55 -17.76
C PHE A 469 -13.88 -5.53 -18.75
N THR A 470 -13.32 -6.74 -18.93
CA THR A 470 -13.94 -7.75 -19.79
C THR A 470 -14.14 -9.17 -19.17
N SER A 471 -14.07 -9.28 -17.84
CA SER A 471 -14.26 -10.60 -17.18
C SER A 471 -15.71 -10.99 -16.89
N ASP A 472 -16.65 -10.09 -17.17
CA ASP A 472 -18.06 -10.37 -16.96
C ASP A 472 -18.47 -11.52 -17.87
N PRO A 473 -18.89 -12.67 -17.28
CA PRO A 473 -19.33 -13.79 -18.10
C PRO A 473 -20.50 -13.45 -19.03
N ALA A 474 -21.27 -12.39 -18.72
CA ALA A 474 -22.39 -11.99 -19.63
C ALA A 474 -21.92 -11.65 -21.04
N ILE A 475 -20.69 -11.18 -21.18
CA ILE A 475 -20.16 -10.81 -22.49
C ILE A 475 -19.30 -11.91 -23.14
N ALA A 476 -19.30 -13.12 -22.56
CA ALA A 476 -18.38 -14.19 -23.01
C ALA A 476 -18.57 -14.54 -24.49
N LYS A 477 -19.83 -14.74 -24.89
CA LYS A 477 -20.19 -15.06 -26.26
C LYS A 477 -19.95 -13.88 -27.22
N ASP A 478 -19.91 -12.66 -26.67
CA ASP A 478 -19.69 -11.45 -27.45
C ASP A 478 -18.23 -11.19 -27.84
N LEU A 479 -17.29 -11.67 -27.03
CA LEU A 479 -15.88 -11.26 -27.19
C LEU A 479 -15.22 -12.06 -28.31
N THR A 480 -14.33 -11.44 -29.06
CA THR A 480 -13.62 -12.18 -30.08
C THR A 480 -12.21 -12.51 -29.60
N LYS A 481 -11.75 -11.80 -28.57
CA LYS A 481 -10.44 -12.08 -27.97
C LYS A 481 -10.55 -12.79 -26.61
N PRO A 482 -9.47 -13.45 -26.16
CA PRO A 482 -9.61 -14.09 -24.84
C PRO A 482 -9.92 -13.02 -23.78
N PHE A 483 -10.86 -13.33 -22.89
CA PHE A 483 -11.37 -12.35 -21.93
C PHE A 483 -10.27 -11.88 -21.03
N GLY A 484 -10.45 -10.68 -20.49
CA GLY A 484 -9.56 -10.18 -19.45
C GLY A 484 -8.17 -9.82 -19.93
N THR A 485 -7.97 -9.70 -21.23
CA THR A 485 -6.65 -9.41 -21.80
C THR A 485 -6.60 -8.02 -22.45
N PHE A 486 -5.38 -7.57 -22.74
CA PHE A 486 -5.17 -6.29 -23.42
C PHE A 486 -6.04 -6.20 -24.66
N GLU A 487 -6.03 -7.23 -25.48
CA GLU A 487 -6.80 -7.21 -26.71
C GLU A 487 -8.32 -7.33 -26.52
N ALA A 488 -8.78 -8.02 -25.46
CA ALA A 488 -10.25 -8.04 -25.21
C ALA A 488 -10.71 -6.63 -24.81
N PHE A 489 -9.81 -5.90 -24.16
CA PHE A 489 -10.09 -4.56 -23.66
C PHE A 489 -10.46 -3.62 -24.84
N ILE A 490 -9.77 -3.78 -25.97
CA ILE A 490 -10.03 -2.99 -27.19
C ILE A 490 -11.49 -3.09 -27.61
N GLU A 491 -12.10 -4.25 -27.43
CA GLU A 491 -13.46 -4.52 -27.90
C GLU A 491 -14.54 -3.76 -27.13
N LYS A 492 -14.18 -3.13 -26.02
CA LYS A 492 -15.13 -2.34 -25.21
C LYS A 492 -14.71 -0.89 -25.06
N LEU A 493 -13.69 -0.49 -25.82
CA LEU A 493 -13.26 0.92 -25.85
C LEU A 493 -14.30 1.92 -26.38
N ASP A 494 -15.24 1.46 -27.21
CA ASP A 494 -16.29 2.34 -27.76
C ASP A 494 -17.21 2.86 -26.65
N TYR A 495 -17.54 2.00 -25.69
CA TYR A 495 -18.26 2.39 -24.45
C TYR A 495 -17.61 3.57 -23.75
N LEU A 496 -16.28 3.53 -23.66
CA LEU A 496 -15.53 4.63 -23.04
C LEU A 496 -15.44 5.90 -23.90
N LYS A 497 -15.34 5.70 -25.22
CA LYS A 497 -15.37 6.84 -26.12
C LYS A 497 -16.73 7.53 -26.04
N ASP A 498 -17.80 6.76 -26.13
CA ASP A 498 -19.15 7.27 -25.92
C ASP A 498 -19.32 8.01 -24.58
N LEU A 499 -18.64 7.52 -23.54
CA LEU A 499 -18.77 8.10 -22.20
C LEU A 499 -18.15 9.47 -22.14
N GLY A 500 -17.03 9.64 -22.83
CA GLY A 500 -16.48 10.98 -23.06
C GLY A 500 -15.21 11.26 -22.31
N VAL A 501 -14.78 10.28 -21.50
CA VAL A 501 -13.55 10.37 -20.71
C VAL A 501 -12.35 10.66 -21.63
N THR A 502 -11.32 11.33 -21.12
CA THR A 502 -10.12 11.66 -21.93
C THR A 502 -8.96 10.70 -21.69
N HIS A 503 -8.90 10.15 -20.48
CA HIS A 503 -7.75 9.38 -20.01
C HIS A 503 -8.20 8.11 -19.29
N ILE A 504 -7.73 6.97 -19.79
CA ILE A 504 -8.04 5.68 -19.19
C ILE A 504 -6.85 5.31 -18.34
N GLN A 505 -7.04 5.30 -17.03
CA GLN A 505 -5.96 4.95 -16.14
C GLN A 505 -6.05 3.46 -15.88
N LEU A 506 -4.95 2.76 -16.18
CA LEU A 506 -4.89 1.31 -16.04
C LEU A 506 -4.16 0.93 -14.76
N LEU A 507 -4.81 0.18 -13.89
CA LEU A 507 -4.14 -0.50 -12.79
C LEU A 507 -2.92 -1.29 -13.29
N PRO A 508 -1.92 -1.51 -12.40
CA PRO A 508 -0.58 -1.99 -12.79
C PRO A 508 -0.51 -3.05 -13.90
N VAL A 509 0.13 -2.69 -15.00
CA VAL A 509 0.37 -3.63 -16.09
C VAL A 509 1.84 -4.11 -16.12
N LEU A 510 2.68 -3.48 -15.31
CA LEU A 510 4.06 -3.92 -15.15
C LEU A 510 4.05 -5.19 -14.32
N SER A 511 5.05 -6.03 -14.58
CA SER A 511 5.10 -7.38 -14.01
C SER A 511 4.93 -7.39 -12.49
N TYR A 512 4.03 -8.25 -12.03
CA TYR A 512 3.82 -8.44 -10.62
C TYR A 512 3.97 -9.93 -10.23
N TYR A 513 4.19 -10.16 -8.95
CA TYR A 513 4.74 -11.43 -8.47
C TYR A 513 3.72 -12.53 -8.16
N PHE A 514 2.75 -12.22 -7.31
CA PHE A 514 1.87 -13.26 -6.75
C PHE A 514 0.72 -13.52 -7.69
N VAL A 515 0.96 -14.46 -8.60
CA VAL A 515 0.12 -14.72 -9.74
C VAL A 515 0.64 -15.96 -10.49
N ASN A 516 -0.29 -16.75 -11.01
CA ASN A 516 0.03 -17.84 -11.93
C ASN A 516 -0.47 -17.45 -13.32
N GLU A 517 0.41 -16.93 -14.15
CA GLU A 517 0.05 -16.47 -15.47
C GLU A 517 -0.45 -17.60 -16.36
N LEU A 518 0.05 -18.82 -16.17
CA LEU A 518 -0.44 -19.96 -16.97
C LEU A 518 -1.93 -20.21 -16.77
N LYS A 519 -2.54 -19.64 -15.74
CA LYS A 519 -3.99 -19.81 -15.53
C LYS A 519 -4.82 -18.56 -15.83
N ASN A 520 -4.28 -17.66 -16.67
CA ASN A 520 -4.94 -16.37 -16.91
C ASN A 520 -6.27 -16.45 -17.68
N HIS A 521 -6.48 -17.55 -18.42
CA HIS A 521 -7.72 -17.80 -19.16
C HIS A 521 -8.75 -18.61 -18.37
N GLU A 522 -8.46 -18.93 -17.11
CA GLU A 522 -9.46 -19.57 -16.27
C GLU A 522 -10.37 -18.51 -15.63
N ARG A 523 -11.68 -18.72 -15.72
CA ARG A 523 -12.66 -17.81 -15.13
C ARG A 523 -12.80 -18.04 -13.63
N LEU A 524 -12.74 -16.95 -12.88
CA LEU A 524 -12.80 -17.04 -11.44
C LEU A 524 -14.21 -16.73 -11.05
N SER A 525 -15.10 -17.70 -11.25
CA SER A 525 -16.54 -17.46 -11.15
C SER A 525 -17.18 -17.60 -9.74
N ASP A 526 -16.58 -18.38 -8.85
CA ASP A 526 -17.03 -18.42 -7.44
C ASP A 526 -16.71 -17.09 -6.76
N TYR A 527 -17.62 -16.60 -5.92
CA TYR A 527 -17.30 -15.48 -5.03
C TYR A 527 -16.18 -15.89 -4.07
N ALA A 528 -15.12 -15.08 -4.02
CA ALA A 528 -14.08 -15.21 -3.02
C ALA A 528 -13.36 -13.87 -2.91
N SER A 529 -12.91 -13.54 -1.69
CA SER A 529 -12.26 -12.27 -1.42
C SER A 529 -10.82 -12.44 -0.89
N SER A 530 -10.33 -13.69 -0.90
CA SER A 530 -8.92 -14.03 -0.61
C SER A 530 -8.55 -15.34 -1.33
N ASN A 531 -7.25 -15.58 -1.47
CA ASN A 531 -6.75 -16.77 -2.14
C ASN A 531 -7.21 -16.96 -3.58
N SER A 532 -7.10 -15.90 -4.37
CA SER A 532 -7.55 -15.96 -5.74
C SER A 532 -6.36 -15.73 -6.63
N ASN A 533 -6.42 -16.25 -7.86
CA ASN A 533 -5.40 -15.93 -8.86
C ASN A 533 -5.45 -14.49 -9.32
N TYR A 534 -6.61 -13.85 -9.18
CA TYR A 534 -6.78 -12.43 -9.46
C TYR A 534 -5.86 -11.63 -8.57
N ASN A 535 -5.29 -10.59 -9.16
CA ASN A 535 -4.45 -9.67 -8.41
C ASN A 535 -4.66 -8.31 -9.05
N TRP A 536 -4.79 -7.27 -8.22
CA TRP A 536 -4.78 -5.91 -8.69
C TRP A 536 -3.45 -5.56 -9.34
N GLY A 537 -2.37 -6.11 -8.82
CA GLY A 537 -1.04 -5.88 -9.39
C GLY A 537 -0.05 -5.11 -8.53
N TYR A 538 -0.40 -4.82 -7.27
CA TYR A 538 0.49 -4.03 -6.39
C TYR A 538 1.58 -4.87 -5.70
N ASP A 539 2.06 -5.92 -6.39
CA ASP A 539 3.16 -6.82 -5.97
C ASP A 539 4.32 -6.81 -6.99
N PRO A 540 5.03 -5.67 -7.14
CA PRO A 540 5.96 -5.50 -8.30
C PRO A 540 7.19 -6.41 -8.39
N GLN A 541 7.40 -6.97 -9.58
CA GLN A 541 8.55 -7.81 -9.87
C GLN A 541 9.57 -7.13 -10.81
N ASN A 542 9.08 -6.35 -11.78
CA ASN A 542 9.95 -5.69 -12.75
C ASN A 542 9.32 -4.42 -13.30
N TYR A 543 10.13 -3.40 -13.55
CA TYR A 543 9.61 -2.08 -13.94
C TYR A 543 9.69 -1.74 -15.45
N PHE A 544 10.12 -2.69 -16.26
CA PHE A 544 10.21 -2.50 -17.70
C PHE A 544 9.35 -3.50 -18.48
N SER A 545 9.19 -4.70 -17.92
CA SER A 545 8.39 -5.73 -18.57
C SER A 545 6.92 -5.67 -18.18
N LEU A 546 6.07 -6.00 -19.15
CA LEU A 546 4.65 -6.14 -18.90
C LEU A 546 4.34 -7.51 -18.23
N THR A 547 3.26 -7.53 -17.47
CA THR A 547 2.72 -8.75 -16.88
C THR A 547 2.22 -9.64 -17.99
N GLY A 548 2.37 -10.95 -17.83
CA GLY A 548 1.79 -11.88 -18.77
C GLY A 548 0.33 -12.15 -18.51
N MET A 549 -0.17 -11.65 -17.38
CA MET A 549 -1.55 -11.95 -16.94
C MET A 549 -2.62 -11.48 -17.92
N TYR A 550 -2.35 -10.39 -18.65
CA TYR A 550 -3.36 -9.85 -19.58
C TYR A 550 -3.02 -10.17 -21.03
N SER A 551 -2.23 -11.24 -21.20
CA SER A 551 -1.73 -11.64 -22.50
C SER A 551 -2.56 -12.81 -23.02
N SER A 552 -2.70 -12.93 -24.35
CA SER A 552 -3.33 -14.12 -24.94
C SER A 552 -2.41 -15.33 -24.84
N ASP A 553 -1.11 -15.03 -24.74
CA ASP A 553 -0.12 -16.07 -24.67
C ASP A 553 1.08 -15.66 -23.81
N PRO A 554 1.02 -15.89 -22.49
CA PRO A 554 2.16 -15.54 -21.64
C PRO A 554 3.48 -16.28 -21.97
N LYS A 555 3.39 -17.42 -22.65
CA LYS A 555 4.60 -18.21 -23.04
C LYS A 555 5.37 -17.57 -24.21
N ASN A 556 4.74 -16.63 -24.90
CA ASN A 556 5.42 -15.86 -25.94
C ASN A 556 5.85 -14.48 -25.42
N PRO A 557 7.16 -14.30 -25.17
CA PRO A 557 7.60 -13.04 -24.55
C PRO A 557 7.33 -11.80 -25.41
N GLU A 558 7.10 -12.01 -26.71
CA GLU A 558 6.87 -10.89 -27.62
C GLU A 558 5.39 -10.49 -27.73
N LYS A 559 4.47 -11.44 -27.54
CA LYS A 559 3.06 -11.17 -27.79
C LYS A 559 2.50 -10.08 -26.89
N ARG A 560 2.86 -10.09 -25.61
CA ARG A 560 2.33 -9.09 -24.69
C ARG A 560 2.71 -7.67 -25.09
N ILE A 561 3.88 -7.48 -25.70
CA ILE A 561 4.30 -6.15 -26.15
C ILE A 561 3.47 -5.71 -27.35
N ALA A 562 3.34 -6.59 -28.34
CA ALA A 562 2.48 -6.30 -29.48
C ALA A 562 1.04 -5.99 -29.04
N GLU A 563 0.53 -6.77 -28.07
CA GLU A 563 -0.85 -6.66 -27.63
C GLU A 563 -1.15 -5.35 -26.93
N PHE A 564 -0.21 -4.96 -26.08
CA PHE A 564 -0.31 -3.73 -25.33
C PHE A 564 -0.19 -2.51 -26.25
N LYS A 565 0.73 -2.57 -27.21
CA LYS A 565 0.93 -1.44 -28.12
C LYS A 565 -0.34 -1.25 -28.93
N ASN A 566 -0.98 -2.37 -29.23
CA ASN A 566 -2.26 -2.41 -29.87
C ASN A 566 -3.36 -1.73 -29.05
N LEU A 567 -3.44 -2.06 -27.76
CA LEU A 567 -4.48 -1.50 -26.91
C LEU A 567 -4.28 0.01 -26.85
N ILE A 568 -3.02 0.42 -26.72
CA ILE A 568 -2.70 1.83 -26.57
C ILE A 568 -3.06 2.58 -27.86
N ASN A 569 -2.68 1.99 -29.00
CA ASN A 569 -3.03 2.52 -30.31
C ASN A 569 -4.54 2.69 -30.50
N GLU A 570 -5.32 1.67 -30.15
CA GLU A 570 -6.76 1.72 -30.26
C GLU A 570 -7.39 2.77 -29.33
N ILE A 571 -6.78 2.98 -28.17
CA ILE A 571 -7.21 4.03 -27.24
C ILE A 571 -7.01 5.39 -27.94
N HIS A 572 -5.80 5.63 -28.44
CA HIS A 572 -5.45 6.86 -29.17
C HIS A 572 -6.37 7.13 -30.36
N LYS A 573 -6.61 6.10 -31.16
CA LYS A 573 -7.47 6.18 -32.34
C LYS A 573 -8.95 6.50 -32.02
N ARG A 574 -9.27 6.55 -30.72
CA ARG A 574 -10.60 6.91 -30.26
C ARG A 574 -10.51 8.20 -29.46
N GLY A 575 -9.41 8.91 -29.65
CA GLY A 575 -9.23 10.26 -29.13
C GLY A 575 -8.96 10.32 -27.65
N MET A 576 -8.51 9.20 -27.09
CA MET A 576 -8.23 9.10 -25.66
C MET A 576 -6.76 8.84 -25.33
N GLY A 577 -6.41 9.04 -24.07
CA GLY A 577 -5.05 8.81 -23.59
C GLY A 577 -5.03 7.63 -22.64
N ALA A 578 -3.84 7.15 -22.29
CA ALA A 578 -3.68 6.04 -21.37
C ALA A 578 -2.73 6.49 -20.26
N ILE A 579 -3.16 6.28 -19.01
CA ILE A 579 -2.36 6.55 -17.81
C ILE A 579 -2.05 5.22 -17.10
N LEU A 580 -0.81 5.08 -16.66
CA LEU A 580 -0.35 3.81 -16.11
C LEU A 580 -0.15 3.97 -14.63
N ASP A 581 -0.92 3.21 -13.85
CA ASP A 581 -0.65 3.04 -12.44
C ASP A 581 0.74 2.36 -12.35
N VAL A 582 1.64 2.93 -11.55
CA VAL A 582 3.01 2.41 -11.41
C VAL A 582 3.37 2.38 -9.95
N VAL A 583 4.14 1.37 -9.57
CA VAL A 583 4.28 1.04 -8.18
C VAL A 583 5.76 0.95 -7.83
N TYR A 584 6.44 2.08 -7.89
CA TYR A 584 7.87 2.14 -7.52
C TYR A 584 8.17 2.10 -6.04
N ASN A 585 7.19 2.41 -5.20
CA ASN A 585 7.45 2.51 -3.74
C ASN A 585 7.94 1.22 -3.07
N HIS A 586 7.60 0.07 -3.64
CA HIS A 586 8.00 -1.21 -3.06
C HIS A 586 8.01 -2.33 -4.10
N THR A 587 8.82 -3.35 -3.88
CA THR A 587 8.82 -4.56 -4.69
C THR A 587 8.11 -5.66 -3.91
N ALA A 588 7.87 -6.80 -4.55
CA ALA A 588 7.22 -7.94 -3.90
C ALA A 588 8.15 -8.73 -2.98
N LYS A 589 9.45 -8.65 -3.22
CA LYS A 589 10.45 -9.48 -2.53
C LYS A 589 11.75 -8.69 -2.44
N VAL A 590 12.32 -8.65 -1.25
CA VAL A 590 13.56 -7.91 -1.02
C VAL A 590 14.68 -8.43 -1.95
N ASP A 591 14.66 -9.75 -2.18
CA ASP A 591 15.67 -10.44 -2.98
C ASP A 591 15.80 -9.91 -4.41
N LEU A 592 14.69 -9.46 -4.99
CA LEU A 592 14.68 -8.95 -6.36
C LEU A 592 15.79 -7.94 -6.56
N PHE A 593 15.94 -7.03 -5.60
CA PHE A 593 16.98 -6.04 -5.68
C PHE A 593 18.17 -6.28 -4.74
N GLU A 594 17.99 -6.95 -3.61
CA GLU A 594 19.16 -7.28 -2.76
C GLU A 594 20.16 -8.20 -3.49
N ASP A 595 19.67 -9.19 -4.24
CA ASP A 595 20.55 -10.12 -4.96
C ASP A 595 21.32 -9.48 -6.13
N LEU A 596 20.91 -8.29 -6.55
CA LEU A 596 21.62 -7.50 -7.56
C LEU A 596 22.84 -6.80 -6.96
N GLU A 597 22.63 -6.17 -5.80
CA GLU A 597 23.67 -5.48 -5.05
C GLU A 597 23.18 -5.29 -3.62
N PRO A 598 23.89 -5.87 -2.63
CA PRO A 598 23.36 -5.89 -1.27
C PRO A 598 23.43 -4.51 -0.58
N ASN A 599 22.51 -4.29 0.36
CA ASN A 599 22.42 -3.06 1.15
C ASN A 599 22.64 -1.78 0.37
N TYR A 600 21.99 -1.66 -0.80
CA TYR A 600 22.00 -0.41 -1.57
C TYR A 600 20.62 0.13 -2.02
N TYR A 601 19.86 -0.68 -2.75
CA TYR A 601 18.74 -0.16 -3.55
C TYR A 601 17.54 0.34 -2.72
N HIS A 602 17.33 -0.30 -1.56
CA HIS A 602 16.23 0.00 -0.68
C HIS A 602 16.56 1.10 0.33
N PHE A 603 15.51 1.70 0.90
CA PHE A 603 15.69 2.50 2.09
C PHE A 603 16.07 1.54 3.22
N MET A 604 16.97 1.96 4.10
CA MET A 604 17.43 1.07 5.19
C MET A 604 17.58 1.71 6.58
N ASP A 605 17.52 0.86 7.59
CA ASP A 605 17.81 1.26 8.97
C ASP A 605 19.28 1.61 9.11
N ALA A 606 19.66 2.01 10.32
CA ALA A 606 21.04 2.36 10.66
C ALA A 606 22.00 1.23 10.30
N ASP A 607 21.74 0.04 10.86
CA ASP A 607 22.54 -1.16 10.59
C ASP A 607 22.63 -1.53 9.10
N GLY A 608 21.81 -0.89 8.26
CA GLY A 608 21.80 -1.17 6.81
C GLY A 608 20.79 -2.24 6.40
N THR A 609 19.99 -2.71 7.35
CA THR A 609 18.89 -3.63 7.06
C THR A 609 17.89 -2.97 6.10
N PRO A 610 17.55 -3.65 4.99
CA PRO A 610 16.53 -3.09 4.10
C PRO A 610 15.24 -2.89 4.85
N ARG A 611 14.70 -1.69 4.72
CA ARG A 611 13.33 -1.42 5.14
C ARG A 611 12.37 -2.17 4.21
N THR A 612 11.30 -2.70 4.81
CA THR A 612 10.38 -3.58 4.09
C THR A 612 8.92 -3.15 4.21
N SER A 613 8.10 -3.71 3.33
CA SER A 613 6.67 -3.46 3.26
C SER A 613 6.06 -4.71 2.63
N PHE A 614 5.21 -5.40 3.39
CA PHE A 614 4.57 -6.65 2.93
C PHE A 614 5.59 -7.69 2.42
N GLY A 615 6.74 -7.75 3.07
CA GLY A 615 7.77 -8.77 2.75
C GLY A 615 8.71 -8.34 1.65
N GLY A 616 8.36 -7.25 0.95
CA GLY A 616 9.23 -6.75 -0.11
C GLY A 616 10.07 -5.58 0.33
N GLY A 617 10.89 -5.08 -0.59
CA GLY A 617 11.74 -3.93 -0.30
C GLY A 617 11.10 -2.59 -0.58
N ARG A 618 11.34 -1.63 0.31
CA ARG A 618 11.03 -0.24 0.06
C ARG A 618 12.16 0.40 -0.77
N LEU A 619 11.92 0.62 -2.05
CA LEU A 619 12.94 1.17 -2.95
C LEU A 619 13.25 2.62 -2.59
N GLY A 620 14.54 2.91 -2.42
CA GLY A 620 15.01 4.24 -1.96
C GLY A 620 15.35 5.15 -3.12
N THR A 621 14.37 5.92 -3.56
CA THR A 621 14.54 6.70 -4.76
C THR A 621 15.51 7.88 -4.60
N THR A 622 16.05 8.09 -3.39
CA THR A 622 17.11 9.07 -3.21
C THR A 622 18.48 8.51 -3.58
N HIS A 623 18.61 7.17 -3.61
CA HIS A 623 19.85 6.50 -4.00
C HIS A 623 19.99 6.55 -5.50
N HIS A 624 21.14 7.03 -5.96
CA HIS A 624 21.35 7.29 -7.39
C HIS A 624 20.77 6.23 -8.33
N MET A 625 21.08 4.95 -8.15
CA MET A 625 20.67 3.94 -9.13
C MET A 625 19.20 3.56 -9.01
N THR A 626 18.62 3.77 -7.83
CA THR A 626 17.19 3.56 -7.63
C THR A 626 16.45 4.69 -8.27
N LYS A 627 16.95 5.91 -8.08
CA LYS A 627 16.40 7.09 -8.75
C LYS A 627 16.38 6.90 -10.26
N ARG A 628 17.51 6.48 -10.82
CA ARG A 628 17.57 6.30 -12.28
C ARG A 628 16.76 5.08 -12.74
N LEU A 629 16.43 4.17 -11.82
CA LEU A 629 15.54 3.05 -12.14
C LEU A 629 14.13 3.58 -12.43
N LEU A 630 13.64 4.40 -11.51
CA LEU A 630 12.34 5.04 -11.67
C LEU A 630 12.29 5.87 -12.95
N ILE A 631 13.23 6.80 -13.11
CA ILE A 631 13.26 7.69 -14.30
C ILE A 631 13.45 6.94 -15.62
N ASP A 632 14.40 6.01 -15.67
CA ASP A 632 14.60 5.21 -16.87
C ASP A 632 13.35 4.45 -17.28
N SER A 633 12.65 3.91 -16.28
CA SER A 633 11.38 3.21 -16.46
C SER A 633 10.32 4.14 -17.07
N ILE A 634 10.06 5.26 -16.40
CA ILE A 634 9.15 6.29 -16.93
C ILE A 634 9.50 6.63 -18.37
N LYS A 635 10.78 6.95 -18.62
CA LYS A 635 11.23 7.28 -20.00
C LYS A 635 11.03 6.12 -20.95
N TYR A 636 11.36 4.91 -20.49
CA TYR A 636 11.25 3.75 -21.37
C TYR A 636 9.80 3.45 -21.75
N LEU A 637 8.88 3.57 -20.79
CA LEU A 637 7.47 3.22 -21.03
C LEU A 637 6.78 4.31 -21.83
N VAL A 638 7.20 5.57 -21.65
CA VAL A 638 6.73 6.67 -22.50
C VAL A 638 7.15 6.45 -23.96
N ASP A 639 8.43 6.15 -24.17
CA ASP A 639 8.93 6.03 -25.54
C ASP A 639 8.42 4.78 -26.25
N THR A 640 8.30 3.70 -25.48
CA THR A 640 8.03 2.41 -26.05
C THR A 640 6.53 2.25 -26.30
N TYR A 641 5.73 2.62 -25.31
CA TYR A 641 4.28 2.41 -25.40
C TYR A 641 3.51 3.68 -25.72
N LYS A 642 4.23 4.80 -25.75
CA LYS A 642 3.66 6.09 -26.16
C LYS A 642 2.46 6.43 -25.30
N VAL A 643 2.61 6.22 -24.00
CA VAL A 643 1.52 6.48 -23.08
C VAL A 643 1.49 7.95 -22.75
N ASP A 644 0.37 8.36 -22.16
CA ASP A 644 0.04 9.76 -22.00
C ASP A 644 0.08 10.24 -20.54
N GLY A 645 0.57 9.39 -19.63
CA GLY A 645 0.70 9.76 -18.22
C GLY A 645 0.87 8.62 -17.22
N PHE A 646 1.11 8.94 -15.96
CA PHE A 646 1.28 7.95 -14.89
C PHE A 646 0.59 8.35 -13.59
N ARG A 647 0.15 7.33 -12.85
CA ARG A 647 -0.42 7.48 -11.52
C ARG A 647 0.52 6.74 -10.58
N PHE A 648 1.13 7.46 -9.63
CA PHE A 648 2.05 6.83 -8.67
C PHE A 648 1.33 6.26 -7.44
N ASP A 649 1.42 4.95 -7.28
CA ASP A 649 0.99 4.29 -6.05
C ASP A 649 1.82 4.76 -4.88
N MET A 650 1.17 5.06 -3.76
CA MET A 650 1.81 5.54 -2.53
C MET A 650 2.98 6.48 -2.84
N MET A 651 2.67 7.56 -3.55
CA MET A 651 3.66 8.54 -4.00
C MET A 651 4.37 9.25 -2.83
N GLY A 652 3.68 9.38 -1.71
CA GLY A 652 4.29 9.99 -0.53
C GLY A 652 5.46 9.18 0.02
N ASP A 653 5.64 7.95 -0.47
CA ASP A 653 6.81 7.13 -0.08
C ASP A 653 8.07 7.61 -0.74
N HIS A 654 7.94 8.40 -1.80
CA HIS A 654 9.09 8.91 -2.52
C HIS A 654 9.52 10.32 -2.12
N ASP A 655 10.79 10.61 -2.34
CA ASP A 655 11.30 11.97 -2.30
C ASP A 655 10.71 12.76 -3.44
N ALA A 656 10.43 14.04 -3.21
CA ALA A 656 9.90 14.92 -4.26
C ALA A 656 10.79 15.06 -5.52
N ALA A 657 12.10 15.08 -5.33
CA ALA A 657 13.04 15.34 -6.43
C ALA A 657 12.96 14.26 -7.52
N SER A 658 12.95 12.99 -7.11
CA SER A 658 12.80 11.87 -8.05
C SER A 658 11.57 12.01 -8.93
N ILE A 659 10.45 12.31 -8.28
CA ILE A 659 9.18 12.45 -8.99
C ILE A 659 9.18 13.64 -9.94
N GLU A 660 9.69 14.80 -9.50
CA GLU A 660 9.79 15.96 -10.40
C GLU A 660 10.70 15.68 -11.60
N GLU A 661 11.88 15.11 -11.35
CA GLU A 661 12.78 14.64 -12.41
C GLU A 661 12.08 13.75 -13.43
N ALA A 662 11.38 12.74 -12.93
CA ALA A 662 10.55 11.87 -13.76
C ALA A 662 9.55 12.64 -14.61
N TYR A 663 8.85 13.59 -13.97
CA TYR A 663 7.90 14.42 -14.73
C TYR A 663 8.59 15.14 -15.91
N LYS A 664 9.69 15.84 -15.63
CA LYS A 664 10.48 16.54 -16.66
C LYS A 664 10.89 15.60 -17.80
N ALA A 665 11.53 14.50 -17.43
CA ALA A 665 11.99 13.51 -18.39
C ALA A 665 10.83 12.98 -19.24
N ALA A 666 9.68 12.71 -18.61
CA ALA A 666 8.51 12.24 -19.34
C ALA A 666 8.02 13.26 -20.37
N ARG A 667 7.99 14.52 -19.96
CA ARG A 667 7.41 15.62 -20.77
C ARG A 667 8.30 15.96 -21.96
N ALA A 668 9.61 15.83 -21.77
CA ALA A 668 10.59 16.05 -22.85
C ALA A 668 10.34 15.07 -23.99
N LEU A 669 9.67 13.95 -23.70
CA LEU A 669 9.26 13.00 -24.73
C LEU A 669 7.82 13.25 -25.19
N ASN A 670 6.92 13.47 -24.25
CA ASN A 670 5.54 13.75 -24.60
C ASN A 670 5.08 15.03 -23.90
N PRO A 671 5.11 16.16 -24.61
CA PRO A 671 4.84 17.45 -23.93
C PRO A 671 3.39 17.62 -23.38
N ASN A 672 2.47 16.73 -23.76
CA ASN A 672 1.12 16.78 -23.21
C ASN A 672 0.87 15.80 -22.05
N LEU A 673 1.94 15.11 -21.62
CA LEU A 673 1.80 14.04 -20.60
C LEU A 673 1.40 14.61 -19.26
N ILE A 674 0.58 13.87 -18.53
CA ILE A 674 0.19 14.30 -17.18
C ILE A 674 0.51 13.25 -16.11
N MET A 675 0.77 13.69 -14.90
CA MET A 675 0.97 12.75 -13.82
C MET A 675 0.08 13.08 -12.62
N LEU A 676 -0.30 12.04 -11.89
CA LEU A 676 -0.91 12.16 -10.57
C LEU A 676 -0.40 11.09 -9.62
N GLY A 677 -0.70 11.23 -8.33
CA GLY A 677 -0.37 10.18 -7.38
C GLY A 677 -1.12 10.26 -6.06
N GLU A 678 -0.98 9.20 -5.27
CA GLU A 678 -1.40 9.17 -3.87
C GLU A 678 -0.40 9.94 -3.03
N GLY A 679 -0.75 11.16 -2.63
CA GLY A 679 0.18 11.95 -1.82
C GLY A 679 -0.09 11.86 -0.34
N TRP A 680 -0.49 10.69 0.13
CA TRP A 680 -0.64 10.50 1.57
C TRP A 680 0.69 10.75 2.24
N ARG A 681 0.65 11.08 3.53
CA ARG A 681 1.86 11.48 4.24
C ARG A 681 2.51 10.26 4.86
N THR A 682 3.28 9.56 4.05
CA THR A 682 3.77 8.24 4.41
C THR A 682 5.28 8.09 4.36
N TYR A 683 6.00 9.15 4.03
CA TYR A 683 7.43 9.04 3.82
C TYR A 683 8.11 8.41 5.02
N ALA A 684 8.96 7.42 4.75
CA ALA A 684 9.79 6.83 5.78
C ALA A 684 11.25 7.07 5.48
N GLY A 685 11.70 6.71 4.28
CA GLY A 685 13.06 7.00 3.81
C GLY A 685 14.11 6.14 4.48
N ASP A 686 15.37 6.61 4.43
CA ASP A 686 16.47 5.98 5.17
C ASP A 686 16.42 6.45 6.62
N GLU A 687 16.78 5.57 7.57
CA GLU A 687 16.71 5.95 8.99
C GLU A 687 17.54 7.20 9.19
N ASN A 688 17.01 8.11 10.01
CA ASN A 688 17.70 9.38 10.36
C ASN A 688 18.09 10.28 9.20
N MET A 689 17.41 10.16 8.06
CA MET A 689 17.62 11.07 6.95
C MET A 689 16.28 11.62 6.43
N PRO A 690 15.87 12.82 6.90
CA PRO A 690 14.63 13.42 6.37
C PRO A 690 14.81 14.09 4.99
N THR A 691 13.75 14.03 4.16
CA THR A 691 13.74 14.56 2.80
C THR A 691 12.33 15.10 2.48
N LYS A 692 12.25 16.19 1.74
CA LYS A 692 10.94 16.66 1.24
C LYS A 692 10.30 15.54 0.41
N ALA A 693 9.14 15.07 0.88
CA ALA A 693 8.45 13.97 0.26
C ALA A 693 7.49 14.43 -0.82
N ALA A 694 7.16 13.53 -1.75
CA ALA A 694 6.24 13.83 -2.84
C ALA A 694 4.79 13.57 -2.40
N ASP A 695 4.33 14.30 -1.38
CA ASP A 695 3.00 14.11 -0.80
C ASP A 695 2.09 15.34 -1.03
N GLN A 696 0.92 15.36 -0.40
CA GLN A 696 -0.02 16.49 -0.58
C GLN A 696 0.61 17.87 -0.27
N ASP A 697 1.57 17.90 0.66
CA ASP A 697 2.24 19.13 1.09
C ASP A 697 3.19 19.66 0.04
N TRP A 698 3.69 18.77 -0.81
CA TRP A 698 4.52 19.15 -1.97
C TRP A 698 3.78 20.05 -2.98
N MET A 699 2.44 19.98 -3.05
CA MET A 699 1.62 20.78 -4.01
C MET A 699 1.83 22.32 -4.06
N LYS A 700 2.21 22.89 -2.93
CA LYS A 700 2.44 24.34 -2.84
C LYS A 700 3.77 24.77 -3.51
N HIS A 701 4.58 23.77 -3.92
CA HIS A 701 5.90 23.99 -4.51
C HIS A 701 6.04 23.48 -5.93
N THR A 702 4.97 22.94 -6.51
CA THR A 702 5.08 22.50 -7.89
C THR A 702 3.74 22.53 -8.59
N ASP A 703 3.77 22.78 -9.90
CA ASP A 703 2.57 22.69 -10.74
C ASP A 703 2.75 21.60 -11.78
N THR A 704 3.09 20.40 -11.31
CA THR A 704 3.38 19.27 -12.18
C THR A 704 2.41 18.12 -11.88
N VAL A 705 2.75 17.35 -10.84
CA VAL A 705 2.10 16.10 -10.51
C VAL A 705 1.02 16.38 -9.48
N ALA A 706 -0.23 16.01 -9.80
CA ALA A 706 -1.36 16.23 -8.91
C ALA A 706 -1.51 15.13 -7.85
N VAL A 707 -2.36 15.38 -6.85
CA VAL A 707 -2.64 14.41 -5.81
C VAL A 707 -4.14 14.20 -5.65
N PHE A 708 -4.51 13.00 -5.18
CA PHE A 708 -5.89 12.66 -4.82
C PHE A 708 -6.32 13.54 -3.63
N SER A 709 -7.55 14.05 -3.68
CA SER A 709 -8.05 14.87 -2.60
C SER A 709 -8.98 14.05 -1.75
N ASP A 710 -8.47 13.54 -0.63
CA ASP A 710 -9.33 12.89 0.36
C ASP A 710 -10.29 13.86 1.09
N ASP A 711 -10.01 15.16 1.05
CA ASP A 711 -10.91 16.10 1.70
C ASP A 711 -12.28 16.13 1.03
N ILE A 712 -12.29 16.24 -0.29
CA ILE A 712 -13.57 16.21 -1.01
C ILE A 712 -14.25 14.84 -0.85
N ARG A 713 -13.46 13.79 -1.03
CA ARG A 713 -13.96 12.41 -0.92
C ARG A 713 -14.63 12.23 0.41
N ASN A 714 -13.92 12.53 1.49
CA ASN A 714 -14.44 12.32 2.86
C ASN A 714 -15.66 13.21 3.17
N ASN A 715 -15.61 14.46 2.73
CA ASN A 715 -16.74 15.37 2.96
C ASN A 715 -18.05 15.02 2.27
N LEU A 716 -17.98 14.50 1.04
CA LEU A 716 -19.20 14.17 0.28
C LEU A 716 -19.81 12.82 0.67
N LYS A 717 -18.93 11.84 0.79
CA LYS A 717 -19.35 10.50 1.14
C LYS A 717 -18.16 10.10 1.99
N SER A 718 -18.15 9.00 2.67
CA SER A 718 -17.07 8.99 3.68
C SER A 718 -15.74 8.51 3.07
N GLY A 719 -14.78 8.16 3.91
CA GLY A 719 -13.60 7.49 3.42
C GLY A 719 -12.84 6.77 4.50
N TYR A 720 -11.99 5.85 4.06
CA TYR A 720 -10.95 5.26 4.87
C TYR A 720 -10.35 6.33 5.78
N PRO A 721 -10.20 6.02 7.09
CA PRO A 721 -10.57 4.75 7.74
C PRO A 721 -11.94 4.74 8.44
N ASN A 722 -12.84 5.65 8.03
CA ASN A 722 -14.13 5.81 8.72
C ASN A 722 -15.28 5.75 7.74
N GLU A 723 -15.22 4.68 6.93
CA GLU A 723 -16.20 4.36 5.91
C GLU A 723 -17.59 4.24 6.52
N GLY A 724 -18.57 4.92 5.92
CA GLY A 724 -19.98 4.77 6.32
C GLY A 724 -20.48 5.84 7.26
N GLN A 725 -19.58 6.72 7.69
CA GLN A 725 -19.99 7.88 8.47
C GLN A 725 -20.87 8.81 7.63
N PRO A 726 -22.10 9.10 8.08
CA PRO A 726 -22.88 10.04 7.26
C PRO A 726 -22.11 11.31 6.89
N ALA A 727 -22.30 11.73 5.64
CA ALA A 727 -21.59 12.85 5.04
C ALA A 727 -22.50 13.57 4.04
N PHE A 728 -21.93 14.51 3.29
CA PHE A 728 -22.74 15.49 2.55
C PHE A 728 -23.83 14.90 1.65
N ILE A 729 -23.53 13.86 0.88
CA ILE A 729 -24.55 13.24 0.02
C ILE A 729 -25.24 12.02 0.63
N THR A 730 -24.97 11.76 1.91
CA THR A 730 -25.45 10.56 2.61
C THR A 730 -26.14 10.84 3.95
N GLY A 731 -26.71 12.04 4.07
CA GLY A 731 -27.52 12.37 5.22
C GLY A 731 -26.77 13.05 6.35
N GLY A 732 -25.49 13.36 6.15
CA GLY A 732 -24.68 13.94 7.20
C GLY A 732 -24.28 15.36 6.86
N LYS A 733 -24.88 16.33 7.56
CA LYS A 733 -24.60 17.74 7.28
C LYS A 733 -23.12 18.04 7.48
N ARG A 734 -22.59 18.88 6.59
CA ARG A 734 -21.20 19.29 6.60
C ARG A 734 -21.05 20.80 6.51
N ASP A 735 -19.90 21.30 6.93
CA ASP A 735 -19.60 22.72 6.92
C ASP A 735 -19.65 23.26 5.48
N VAL A 736 -20.59 24.17 5.24
CA VAL A 736 -20.91 24.63 3.88
C VAL A 736 -19.69 25.28 3.17
N ASN A 737 -18.92 26.10 3.89
CA ASN A 737 -17.67 26.69 3.37
C ASN A 737 -16.64 25.62 3.00
N THR A 738 -16.51 24.61 3.85
CA THR A 738 -15.61 23.48 3.58
C THR A 738 -16.01 22.76 2.29
N ILE A 739 -17.31 22.59 2.06
CA ILE A 739 -17.76 21.98 0.82
C ILE A 739 -17.41 22.86 -0.40
N PHE A 740 -17.69 24.17 -0.30
CA PHE A 740 -17.46 25.09 -1.40
C PHE A 740 -15.98 25.14 -1.77
N LYS A 741 -15.12 25.32 -0.78
CA LYS A 741 -13.67 25.28 -0.97
C LYS A 741 -13.23 24.03 -1.72
N ASN A 742 -13.74 22.88 -1.31
CA ASN A 742 -13.34 21.66 -1.98
C ASN A 742 -13.81 21.71 -3.43
N LEU A 743 -15.00 22.26 -3.66
CA LEU A 743 -15.57 22.36 -5.01
C LEU A 743 -14.83 23.33 -5.94
N ILE A 744 -14.12 24.30 -5.36
CA ILE A 744 -13.25 25.18 -6.15
C ILE A 744 -11.79 24.74 -6.15
N ALA A 745 -11.54 23.48 -5.76
CA ALA A 745 -10.19 22.88 -5.73
C ALA A 745 -9.27 23.54 -4.70
N GLN A 746 -9.86 23.93 -3.57
CA GLN A 746 -9.11 24.41 -2.42
C GLN A 746 -9.34 23.51 -1.19
N PRO A 747 -8.96 22.22 -1.28
CA PRO A 747 -9.15 21.33 -0.13
C PRO A 747 -8.55 21.94 1.14
N THR A 748 -9.12 21.59 2.29
CA THR A 748 -8.78 22.27 3.53
C THR A 748 -7.66 21.57 4.29
N ASN A 749 -7.12 20.49 3.71
CA ASN A 749 -6.11 19.71 4.40
C ASN A 749 -4.69 19.76 3.79
N PHE A 750 -4.57 20.35 2.60
CA PHE A 750 -3.26 20.71 2.03
C PHE A 750 -3.42 21.94 1.17
N GLU A 751 -2.35 22.68 0.96
CA GLU A 751 -2.44 23.88 0.15
C GLU A 751 -2.29 23.58 -1.33
N ALA A 752 -3.31 23.95 -2.09
CA ALA A 752 -3.28 23.84 -3.53
C ALA A 752 -3.29 25.25 -4.08
N ASP A 753 -2.16 25.67 -4.64
CA ASP A 753 -2.06 27.01 -5.22
C ASP A 753 -2.48 26.98 -6.68
N SER A 754 -2.80 25.78 -7.15
CA SER A 754 -3.23 25.59 -8.54
C SER A 754 -4.37 24.56 -8.53
N PRO A 755 -5.42 24.78 -9.33
CA PRO A 755 -6.53 23.82 -9.25
C PRO A 755 -6.14 22.45 -9.88
N GLY A 756 -5.21 22.48 -10.84
CA GLY A 756 -4.63 21.28 -11.44
C GLY A 756 -3.88 20.41 -10.44
N ASP A 757 -3.57 20.98 -9.27
CA ASP A 757 -2.97 20.20 -8.18
C ASP A 757 -3.94 19.16 -7.60
N VAL A 758 -5.22 19.33 -7.85
CA VAL A 758 -6.23 18.57 -7.14
C VAL A 758 -6.88 17.55 -8.05
N ILE A 759 -6.78 16.27 -7.68
CA ILE A 759 -7.56 15.23 -8.34
C ILE A 759 -8.81 15.07 -7.49
N GLN A 760 -9.96 15.39 -8.09
CA GLN A 760 -11.21 15.38 -7.38
C GLN A 760 -11.86 14.01 -7.58
N TYR A 761 -12.21 13.34 -6.49
CA TYR A 761 -12.77 12.00 -6.59
C TYR A 761 -13.61 11.65 -5.37
N ILE A 762 -14.53 10.71 -5.57
CA ILE A 762 -15.32 10.11 -4.47
C ILE A 762 -15.19 8.58 -4.42
N ALA A 763 -14.62 7.99 -5.46
CA ALA A 763 -14.38 6.53 -5.51
C ALA A 763 -13.15 6.19 -6.33
N ALA A 764 -12.57 5.01 -6.03
CA ALA A 764 -11.39 4.48 -6.72
C ALA A 764 -11.34 2.96 -6.47
N HIS A 765 -10.36 2.25 -7.05
CA HIS A 765 -10.23 0.80 -6.83
C HIS A 765 -10.17 0.42 -5.35
N ASP A 766 -9.53 1.24 -4.54
CA ASP A 766 -9.45 1.02 -3.07
C ASP A 766 -10.79 1.28 -2.40
N ASN A 767 -11.06 0.58 -1.31
CA ASN A 767 -12.21 0.92 -0.48
C ASN A 767 -13.54 0.51 -1.15
N LEU A 768 -14.65 0.85 -0.51
CA LEU A 768 -15.96 0.52 -1.02
C LEU A 768 -16.27 1.26 -2.35
N THR A 769 -17.06 0.64 -3.21
CA THR A 769 -17.56 1.37 -4.37
C THR A 769 -18.50 2.49 -3.91
N LEU A 770 -18.67 3.51 -4.78
CA LEU A 770 -19.61 4.60 -4.45
C LEU A 770 -21.02 4.09 -4.13
N PHE A 771 -21.55 3.23 -4.97
CA PHE A 771 -22.86 2.64 -4.71
C PHE A 771 -22.85 1.97 -3.32
N ASP A 772 -21.84 1.13 -3.07
CA ASP A 772 -21.77 0.39 -1.80
C ASP A 772 -21.66 1.30 -0.58
N ILE A 773 -20.81 2.34 -0.65
CA ILE A 773 -20.64 3.21 0.51
C ILE A 773 -21.87 4.06 0.79
N ILE A 774 -22.58 4.46 -0.26
CA ILE A 774 -23.83 5.20 -0.06
C ILE A 774 -24.86 4.36 0.69
N ALA A 775 -25.03 3.11 0.27
CA ALA A 775 -25.93 2.19 0.92
C ALA A 775 -25.52 1.96 2.36
N GLN A 776 -24.23 1.75 2.59
CA GLN A 776 -23.71 1.57 3.94
C GLN A 776 -24.05 2.80 4.76
N SER A 777 -23.74 3.97 4.21
CA SER A 777 -23.82 5.22 4.96
C SER A 777 -25.25 5.58 5.35
N ILE A 778 -26.20 5.36 4.43
CA ILE A 778 -27.60 5.74 4.67
C ILE A 778 -28.39 4.60 5.30
N LYS A 779 -27.70 3.47 5.47
CA LYS A 779 -28.21 2.24 6.09
C LYS A 779 -29.50 1.77 5.46
N LYS A 780 -29.54 1.83 4.13
CA LYS A 780 -30.70 1.37 3.37
C LYS A 780 -30.33 0.24 2.44
N ASP A 781 -31.01 -0.89 2.59
CA ASP A 781 -30.73 -2.11 1.83
C ASP A 781 -31.14 -1.97 0.34
N PRO A 782 -30.18 -2.05 -0.61
CA PRO A 782 -30.46 -1.87 -2.05
C PRO A 782 -31.44 -2.87 -2.67
N SER A 783 -31.70 -3.99 -1.97
CA SER A 783 -32.67 -4.99 -2.41
C SER A 783 -34.14 -4.56 -2.21
N LYS A 784 -34.38 -3.44 -1.53
CA LYS A 784 -35.69 -2.79 -1.66
C LYS A 784 -35.58 -1.78 -2.80
N ALA A 785 -36.40 -1.98 -3.85
CA ALA A 785 -36.34 -1.15 -5.07
C ALA A 785 -36.37 0.35 -4.81
N GLU A 786 -37.07 0.75 -3.75
CA GLU A 786 -37.12 2.17 -3.40
C GLU A 786 -35.78 2.61 -2.89
N ASN A 787 -35.10 1.73 -2.13
CA ASN A 787 -33.78 2.06 -1.63
C ASN A 787 -32.81 2.16 -2.78
N TYR A 788 -32.91 1.22 -3.71
CA TYR A 788 -32.11 1.21 -4.93
C TYR A 788 -32.21 2.55 -5.67
N ALA A 789 -33.44 3.02 -5.84
CA ALA A 789 -33.72 4.35 -6.41
C ALA A 789 -33.04 5.46 -5.64
N GLU A 790 -33.16 5.44 -4.31
CA GLU A 790 -32.60 6.51 -3.51
C GLU A 790 -31.07 6.56 -3.62
N ILE A 791 -30.44 5.39 -3.65
CA ILE A 791 -28.99 5.31 -3.69
C ILE A 791 -28.50 5.89 -5.02
N HIS A 792 -29.20 5.58 -6.09
CA HIS A 792 -28.88 6.15 -7.38
C HIS A 792 -29.08 7.66 -7.49
N ARG A 793 -30.08 8.21 -6.79
CA ARG A 793 -30.24 9.67 -6.71
C ARG A 793 -29.00 10.30 -6.07
N ARG A 794 -28.56 9.68 -4.98
CA ARG A 794 -27.43 10.23 -4.22
C ARG A 794 -26.14 10.04 -5.01
N LEU A 795 -26.08 8.95 -5.77
CA LEU A 795 -24.96 8.64 -6.63
C LEU A 795 -24.82 9.68 -7.76
N ARG A 796 -25.92 9.99 -8.42
CA ARG A 796 -25.94 11.06 -9.44
C ARG A 796 -25.52 12.38 -8.81
N LEU A 797 -26.09 12.71 -7.64
CA LEU A 797 -25.72 13.93 -6.92
C LEU A 797 -24.21 14.03 -6.79
N GLY A 798 -23.59 13.01 -6.18
CA GLY A 798 -22.15 13.01 -5.95
C GLY A 798 -21.36 13.18 -7.23
N ASN A 799 -21.76 12.44 -8.26
CA ASN A 799 -21.10 12.49 -9.54
C ASN A 799 -21.24 13.91 -10.17
N LEU A 800 -22.38 14.56 -9.92
CA LEU A 800 -22.61 15.91 -10.47
C LEU A 800 -21.64 16.85 -9.80
N MET A 801 -21.55 16.72 -8.48
CA MET A 801 -20.71 17.61 -7.71
C MET A 801 -19.26 17.47 -8.12
N VAL A 802 -18.87 16.24 -8.47
CA VAL A 802 -17.50 15.98 -8.83
C VAL A 802 -17.21 16.50 -10.23
N LEU A 803 -18.10 16.22 -11.17
CA LEU A 803 -17.88 16.60 -12.57
C LEU A 803 -18.06 18.09 -12.88
N THR A 804 -18.56 18.86 -11.91
CA THR A 804 -18.67 20.31 -12.07
C THR A 804 -17.70 21.03 -11.15
N ALA A 805 -16.88 20.27 -10.42
CA ALA A 805 -15.89 20.88 -9.53
C ALA A 805 -14.64 21.31 -10.32
N GLN A 806 -13.95 22.33 -9.81
CA GLN A 806 -12.68 22.78 -10.37
C GLN A 806 -11.59 21.73 -10.12
N GLY A 807 -10.51 21.79 -10.89
CA GLY A 807 -9.50 20.73 -10.83
C GLY A 807 -9.77 19.61 -11.82
N THR A 808 -9.20 18.43 -11.53
CA THR A 808 -9.25 17.30 -12.45
C THR A 808 -10.16 16.18 -11.90
N PRO A 809 -11.31 15.91 -12.57
CA PRO A 809 -12.13 14.82 -12.06
C PRO A 809 -11.57 13.42 -12.41
N PHE A 810 -11.78 12.49 -11.49
CA PHE A 810 -11.34 11.12 -11.57
C PHE A 810 -12.58 10.30 -11.26
N ILE A 811 -12.80 9.27 -12.08
CA ILE A 811 -13.97 8.42 -12.03
C ILE A 811 -13.49 6.97 -11.90
N HIS A 812 -13.95 6.26 -10.86
CA HIS A 812 -13.64 4.84 -10.74
C HIS A 812 -14.49 4.11 -11.75
N SER A 813 -13.85 3.20 -12.50
CA SER A 813 -14.60 2.43 -13.48
C SER A 813 -15.83 1.79 -12.82
N GLY A 814 -17.02 2.03 -13.39
CA GLY A 814 -18.27 1.54 -12.81
C GLY A 814 -18.96 2.50 -11.82
N GLN A 815 -18.25 3.54 -11.42
CA GLN A 815 -18.86 4.63 -10.70
C GLN A 815 -20.03 5.25 -11.44
N GLU A 816 -20.02 5.18 -12.78
CA GLU A 816 -21.02 5.86 -13.62
C GLU A 816 -22.36 5.12 -13.58
N TYR A 817 -22.30 3.80 -13.49
CA TYR A 817 -23.51 2.96 -13.45
C TYR A 817 -23.94 2.44 -12.06
N GLY A 818 -23.13 2.68 -11.03
CA GLY A 818 -23.40 2.11 -9.70
C GLY A 818 -22.86 0.68 -9.51
N ARG A 819 -21.57 0.50 -9.84
CA ARG A 819 -20.85 -0.76 -9.65
C ARG A 819 -20.92 -1.20 -8.18
N THR A 820 -21.10 -2.51 -7.94
CA THR A 820 -21.15 -3.07 -6.58
C THR A 820 -20.10 -4.18 -6.36
N LYS A 821 -19.62 -4.31 -5.14
CA LYS A 821 -18.77 -5.45 -4.76
C LYS A 821 -19.42 -6.27 -3.63
N GLN A 822 -20.75 -6.27 -3.61
CA GLN A 822 -21.50 -7.13 -2.71
C GLN A 822 -21.04 -8.60 -2.87
N PHE A 823 -20.90 -9.30 -1.75
CA PHE A 823 -20.47 -10.72 -1.73
C PHE A 823 -21.72 -11.60 -1.84
N ARG A 824 -22.00 -12.08 -3.03
CA ARG A 824 -23.28 -12.76 -3.29
C ARG A 824 -23.18 -14.29 -3.42
N ASN A 825 -22.21 -14.89 -2.74
CA ASN A 825 -22.16 -16.35 -2.55
C ASN A 825 -23.48 -16.79 -1.92
N PRO A 826 -24.16 -17.79 -2.52
CA PRO A 826 -25.48 -18.23 -2.02
C PRO A 826 -25.51 -18.67 -0.55
N ALA A 827 -24.38 -19.10 -0.01
CA ALA A 827 -24.31 -19.46 1.42
C ALA A 827 -24.14 -18.21 2.32
N TYR A 828 -24.05 -17.03 1.70
CA TYR A 828 -23.78 -15.79 2.46
C TYR A 828 -24.94 -14.79 2.42
N ARG A 829 -26.17 -15.30 2.28
CA ARG A 829 -27.40 -14.49 2.28
C ARG A 829 -27.60 -13.78 3.62
N THR A 830 -27.22 -14.46 4.71
CA THR A 830 -27.31 -13.92 6.08
C THR A 830 -25.96 -14.03 6.77
N PRO A 831 -25.76 -13.34 7.92
CA PRO A 831 -24.43 -13.43 8.55
C PRO A 831 -23.95 -14.87 8.78
N VAL A 832 -22.66 -15.09 8.62
CA VAL A 832 -22.09 -16.44 8.77
C VAL A 832 -21.24 -16.52 10.05
N ALA A 833 -20.84 -17.73 10.43
CA ALA A 833 -19.89 -17.94 11.55
C ALA A 833 -18.59 -17.15 11.39
N GLU A 834 -18.05 -16.70 12.51
CA GLU A 834 -16.84 -15.87 12.52
C GLU A 834 -15.70 -16.41 11.65
N ASP A 835 -15.61 -17.74 11.52
CA ASP A 835 -14.52 -18.36 10.76
C ASP A 835 -14.87 -18.57 9.29
N LYS A 836 -15.95 -17.95 8.83
CA LYS A 836 -16.38 -18.06 7.43
C LYS A 836 -16.54 -16.68 6.82
N VAL A 837 -16.38 -15.64 7.64
CA VAL A 837 -16.43 -14.25 7.19
C VAL A 837 -15.43 -13.99 6.07
N PRO A 838 -15.89 -13.40 4.95
CA PRO A 838 -14.99 -13.09 3.85
C PRO A 838 -13.93 -12.06 4.22
N ASN A 839 -12.70 -12.32 3.79
CA ASN A 839 -11.62 -11.34 3.84
C ASN A 839 -12.06 -9.94 3.34
N LYS A 840 -11.71 -8.89 4.10
CA LYS A 840 -11.90 -7.51 3.67
C LYS A 840 -13.36 -7.15 3.33
N SER A 841 -14.27 -7.52 4.20
CA SER A 841 -15.67 -7.26 4.00
C SER A 841 -16.13 -6.35 5.12
N HIS A 842 -17.15 -5.56 4.84
CA HIS A 842 -17.97 -4.97 5.90
C HIS A 842 -19.34 -5.64 5.87
N LEU A 843 -19.92 -5.79 7.05
CA LEU A 843 -21.26 -6.31 7.18
C LEU A 843 -22.16 -5.09 7.27
N LEU A 844 -22.98 -4.88 6.25
CA LEU A 844 -23.84 -3.69 6.16
C LEU A 844 -25.19 -3.94 6.83
N ARG A 845 -25.61 -2.98 7.63
CA ARG A 845 -26.83 -3.11 8.42
C ARG A 845 -27.74 -1.95 8.06
N ASP A 846 -29.05 -2.18 8.17
CA ASP A 846 -30.04 -1.10 8.06
C ASP A 846 -30.18 -0.31 9.36
N LYS A 847 -31.19 0.56 9.39
CA LYS A 847 -31.48 1.44 10.51
C LYS A 847 -31.79 0.74 11.83
N ASP A 848 -32.40 -0.44 11.74
CA ASP A 848 -32.74 -1.26 12.91
C ASP A 848 -31.57 -2.14 13.34
N GLY A 849 -30.44 -2.02 12.66
CA GLY A 849 -29.27 -2.82 13.00
C GLY A 849 -29.29 -4.20 12.37
N ASN A 850 -30.22 -4.42 11.45
CA ASN A 850 -30.37 -5.72 10.83
C ASN A 850 -29.53 -5.81 9.56
N PRO A 851 -28.88 -6.97 9.35
CA PRO A 851 -28.03 -7.16 8.18
C PRO A 851 -28.86 -6.94 6.92
N PHE A 852 -28.27 -6.29 5.93
CA PHE A 852 -28.85 -6.30 4.60
C PHE A 852 -29.00 -7.79 4.20
N ASP A 853 -29.87 -8.04 3.24
CA ASP A 853 -29.79 -9.22 2.44
C ASP A 853 -28.39 -9.30 1.77
N TYR A 854 -27.71 -10.44 1.86
CA TYR A 854 -26.30 -10.55 1.45
C TYR A 854 -25.46 -9.41 2.07
N PRO A 855 -25.28 -9.44 3.39
CA PRO A 855 -24.79 -8.26 4.09
C PRO A 855 -23.30 -7.98 3.89
N TYR A 856 -22.54 -8.92 3.32
CA TYR A 856 -21.09 -8.73 3.19
C TYR A 856 -20.70 -8.03 1.89
N PHE A 857 -19.96 -6.93 2.01
CA PHE A 857 -19.51 -6.14 0.86
C PHE A 857 -18.02 -5.98 0.94
N ILE A 858 -17.32 -6.24 -0.16
CA ILE A 858 -15.88 -6.22 -0.14
C ILE A 858 -15.36 -4.81 -0.31
N HIS A 859 -14.46 -4.39 0.57
CA HIS A 859 -13.98 -3.01 0.54
C HIS A 859 -12.50 -2.95 0.16
N ASP A 860 -11.93 -4.10 -0.20
CA ASP A 860 -10.51 -4.21 -0.54
C ASP A 860 -10.35 -5.46 -1.39
N SER A 861 -10.59 -5.30 -2.68
CA SER A 861 -10.81 -6.44 -3.55
C SER A 861 -9.55 -6.91 -4.29
N TYR A 862 -8.37 -6.60 -3.74
CA TYR A 862 -7.07 -6.88 -4.37
C TYR A 862 -6.85 -8.37 -4.66
N ASP A 863 -7.51 -9.22 -3.87
CA ASP A 863 -7.37 -10.68 -3.93
C ASP A 863 -8.74 -11.34 -4.00
N SER A 864 -9.63 -10.72 -4.78
CA SER A 864 -10.98 -11.25 -4.98
C SER A 864 -11.18 -11.74 -6.40
N SER A 865 -12.10 -12.69 -6.57
CA SER A 865 -12.41 -13.30 -7.85
C SER A 865 -13.18 -12.40 -8.81
N ASP A 866 -13.42 -12.90 -10.02
CA ASP A 866 -14.13 -12.15 -11.05
C ASP A 866 -15.59 -11.87 -10.66
N ALA A 867 -16.17 -12.73 -9.84
CA ALA A 867 -17.54 -12.49 -9.39
C ALA A 867 -17.64 -11.19 -8.59
N VAL A 868 -16.60 -10.89 -7.83
CA VAL A 868 -16.54 -9.66 -7.06
C VAL A 868 -16.11 -8.52 -7.96
N ASN A 869 -15.09 -8.77 -8.78
CA ASN A 869 -14.36 -7.71 -9.47
C ASN A 869 -14.82 -7.34 -10.90
N LYS A 870 -15.75 -8.10 -11.47
CA LYS A 870 -16.21 -7.82 -12.84
C LYS A 870 -16.95 -6.48 -12.99
N PHE A 871 -16.65 -5.79 -14.10
CA PHE A 871 -17.41 -4.63 -14.54
C PHE A 871 -18.68 -5.24 -15.12
N ASP A 872 -19.84 -4.83 -14.59
CA ASP A 872 -21.11 -5.44 -14.97
C ASP A 872 -21.68 -4.78 -16.24
N TRP A 873 -21.48 -5.45 -17.37
CA TRP A 873 -21.85 -4.90 -18.70
C TRP A 873 -23.34 -4.72 -18.94
N THR A 874 -24.14 -5.65 -18.40
CA THR A 874 -25.58 -5.59 -18.47
C THR A 874 -26.14 -4.42 -17.66
N LYS A 875 -25.62 -4.26 -16.44
CA LYS A 875 -26.03 -3.11 -15.64
C LYS A 875 -25.60 -1.77 -16.27
N ALA A 876 -24.49 -1.78 -17.00
CA ALA A 876 -23.91 -0.55 -17.59
C ALA A 876 -24.60 -0.08 -18.87
N THR A 877 -25.19 -1.01 -19.63
CA THR A 877 -25.64 -0.78 -20.99
C THR A 877 -27.10 -1.21 -21.29
N ASP A 878 -27.63 -2.17 -20.54
CA ASP A 878 -28.96 -2.69 -20.88
C ASP A 878 -30.06 -1.91 -20.16
N GLY A 879 -30.54 -0.87 -20.84
CA GLY A 879 -31.51 0.06 -20.29
C GLY A 879 -32.84 -0.55 -19.96
N LYS A 880 -33.23 -1.60 -20.67
CA LYS A 880 -34.50 -2.28 -20.39
C LYS A 880 -34.39 -3.12 -19.15
N ALA A 881 -33.24 -3.74 -18.92
CA ALA A 881 -33.12 -4.66 -17.80
C ALA A 881 -32.80 -3.91 -16.50
N TYR A 882 -32.08 -2.80 -16.65
CA TYR A 882 -31.63 -2.01 -15.53
C TYR A 882 -31.78 -0.51 -15.84
N PRO A 883 -33.05 -0.02 -15.87
CA PRO A 883 -33.29 1.40 -16.23
C PRO A 883 -32.48 2.35 -15.38
N GLU A 884 -32.39 2.03 -14.09
CA GLU A 884 -31.83 2.93 -13.08
C GLU A 884 -30.32 3.06 -13.23
N ASN A 885 -29.68 1.92 -13.41
CA ASN A 885 -28.25 1.87 -13.64
C ASN A 885 -27.86 2.58 -14.92
N VAL A 886 -28.58 2.33 -16.03
CA VAL A 886 -28.30 2.98 -17.30
C VAL A 886 -28.65 4.48 -17.23
N LYS A 887 -29.72 4.82 -16.52
CA LYS A 887 -30.02 6.25 -16.25
C LYS A 887 -28.84 6.96 -15.58
N SER A 888 -28.25 6.33 -14.57
CA SER A 888 -27.06 6.88 -13.94
C SER A 888 -25.90 6.92 -14.91
N ARG A 889 -25.73 5.90 -15.75
CA ARG A 889 -24.64 5.95 -16.72
C ARG A 889 -24.81 7.10 -17.72
N ASP A 890 -26.02 7.28 -18.23
CA ASP A 890 -26.28 8.43 -19.14
C ASP A 890 -26.08 9.75 -18.42
N TYR A 891 -26.38 9.77 -17.12
CA TYR A 891 -26.15 10.98 -16.34
C TYR A 891 -24.68 11.36 -16.32
N MET A 892 -23.82 10.37 -16.10
CA MET A 892 -22.39 10.62 -16.11
C MET A 892 -21.97 11.19 -17.47
N LYS A 893 -22.36 10.50 -18.52
CA LYS A 893 -22.02 10.88 -19.88
C LYS A 893 -22.45 12.30 -20.19
N GLY A 894 -23.64 12.67 -19.74
CA GLY A 894 -24.10 14.05 -19.80
C GLY A 894 -23.24 15.00 -19.01
N LEU A 895 -22.79 14.58 -17.84
CA LEU A 895 -22.04 15.50 -17.00
C LEU A 895 -20.68 15.78 -17.62
N ILE A 896 -20.14 14.79 -18.33
CA ILE A 896 -18.83 14.91 -18.97
C ILE A 896 -18.94 15.82 -20.22
N ALA A 897 -19.98 15.64 -21.02
CA ALA A 897 -20.28 16.55 -22.13
C ALA A 897 -20.48 17.98 -21.61
N LEU A 898 -21.34 18.13 -20.59
CA LEU A 898 -21.52 19.40 -19.88
C LEU A 898 -20.19 20.02 -19.50
N ARG A 899 -19.38 19.29 -18.74
CA ARG A 899 -18.07 19.79 -18.35
C ARG A 899 -17.20 20.21 -19.56
N GLN A 900 -17.30 19.46 -20.65
CA GLN A 900 -16.50 19.74 -21.83
C GLN A 900 -16.99 20.93 -22.64
N SER A 901 -18.27 21.28 -22.49
CA SER A 901 -18.90 22.34 -23.29
C SER A 901 -18.42 23.76 -22.98
N THR A 902 -17.92 23.99 -21.76
CA THR A 902 -17.44 25.32 -21.35
C THR A 902 -16.27 25.12 -20.42
N ASP A 903 -15.32 26.06 -20.44
CA ASP A 903 -14.24 26.06 -19.47
C ASP A 903 -14.65 26.58 -18.06
N ALA A 904 -15.93 26.92 -17.88
CA ALA A 904 -16.42 27.41 -16.56
C ALA A 904 -16.03 26.50 -15.39
N PHE A 905 -16.14 25.18 -15.60
CA PHE A 905 -15.83 24.19 -14.55
C PHE A 905 -14.37 23.80 -14.45
N ARG A 906 -13.56 24.22 -15.42
CA ARG A 906 -12.16 23.83 -15.45
C ARG A 906 -11.24 25.04 -15.66
N LEU A 907 -11.38 26.00 -14.74
CA LEU A 907 -10.60 27.22 -14.79
C LEU A 907 -9.16 26.87 -14.41
N LYS A 908 -8.23 27.65 -14.96
CA LYS A 908 -6.83 27.29 -15.02
C LYS A 908 -5.95 27.94 -13.98
N SER A 909 -6.53 28.74 -13.09
CA SER A 909 -5.75 29.35 -12.03
C SER A 909 -6.61 29.64 -10.82
N LEU A 910 -5.97 29.62 -9.65
CA LEU A 910 -6.60 29.99 -8.40
C LEU A 910 -7.21 31.38 -8.55
N GLN A 911 -6.39 32.34 -9.00
CA GLN A 911 -6.80 33.74 -9.09
C GLN A 911 -8.07 33.94 -9.92
N ASP A 912 -8.12 33.31 -11.08
CA ASP A 912 -9.32 33.33 -11.90
C ASP A 912 -10.54 32.69 -11.19
N ILE A 913 -10.32 31.58 -10.49
CA ILE A 913 -11.37 30.93 -9.69
C ILE A 913 -11.90 31.89 -8.59
N LYS A 914 -11.01 32.59 -7.90
CA LYS A 914 -11.48 33.60 -6.95
C LYS A 914 -12.20 34.79 -7.59
N ASP A 915 -11.85 35.13 -8.84
CA ASP A 915 -12.60 36.12 -9.62
C ASP A 915 -14.02 35.62 -9.93
N ARG A 916 -14.12 34.38 -10.41
CA ARG A 916 -15.31 33.95 -11.15
C ARG A 916 -16.33 33.08 -10.44
N VAL A 917 -15.92 32.43 -9.35
CA VAL A 917 -16.80 31.50 -8.64
C VAL A 917 -17.31 32.09 -7.33
N HIS A 918 -18.63 32.16 -7.19
CA HIS A 918 -19.21 32.78 -6.01
C HIS A 918 -20.33 31.97 -5.32
N LEU A 919 -20.16 31.80 -4.01
CA LEU A 919 -21.10 31.08 -3.16
C LEU A 919 -22.39 31.85 -3.03
N ILE A 920 -23.50 31.25 -3.42
CA ILE A 920 -24.82 31.84 -3.25
C ILE A 920 -25.35 31.54 -1.84
N THR A 921 -25.30 30.28 -1.42
CA THR A 921 -25.72 29.88 -0.07
C THR A 921 -24.58 30.10 0.92
N VAL A 922 -24.45 31.35 1.37
CA VAL A 922 -23.40 31.78 2.30
C VAL A 922 -23.87 31.60 3.73
N PRO A 923 -23.12 30.79 4.53
CA PRO A 923 -23.42 30.56 5.94
C PRO A 923 -23.53 31.85 6.75
N GLY A 924 -24.67 32.03 7.41
CA GLY A 924 -24.92 33.22 8.23
C GLY A 924 -25.70 34.33 7.52
N GLN A 925 -26.27 34.00 6.36
CA GLN A 925 -27.02 34.97 5.58
C GLN A 925 -28.23 34.26 4.99
N ASN A 926 -29.33 35.01 4.80
CA ASN A 926 -30.64 34.46 4.39
C ASN A 926 -31.02 33.17 5.13
N GLY A 927 -30.59 33.07 6.39
CA GLY A 927 -30.82 31.89 7.21
C GLY A 927 -30.11 30.64 6.70
N VAL A 928 -29.00 30.82 6.00
CA VAL A 928 -28.16 29.69 5.61
C VAL A 928 -27.33 29.22 6.80
N GLU A 929 -27.61 27.99 7.24
CA GLU A 929 -26.94 27.35 8.38
C GLU A 929 -25.47 27.09 8.06
N LYS A 930 -24.68 27.07 9.12
CA LYS A 930 -23.24 26.84 9.03
C LYS A 930 -22.93 25.42 8.50
N GLU A 931 -23.73 24.44 8.90
CA GLU A 931 -23.60 23.10 8.39
C GLU A 931 -24.94 22.63 7.78
N ASP A 932 -24.87 21.98 6.62
CA ASP A 932 -26.07 21.55 5.92
C ASP A 932 -25.76 20.47 4.88
N VAL A 933 -26.80 20.04 4.16
CA VAL A 933 -26.71 19.08 3.06
C VAL A 933 -27.24 19.71 1.75
N VAL A 934 -27.13 21.05 1.66
CA VAL A 934 -27.47 21.81 0.47
C VAL A 934 -26.32 22.75 0.15
N ILE A 935 -26.23 23.16 -1.11
CA ILE A 935 -25.25 24.19 -1.52
C ILE A 935 -25.63 24.75 -2.89
N GLY A 936 -25.33 26.04 -3.10
CA GLY A 936 -25.52 26.69 -4.39
C GLY A 936 -24.39 27.66 -4.68
N TYR A 937 -23.96 27.70 -5.95
CA TYR A 937 -22.91 28.64 -6.35
C TYR A 937 -22.96 29.00 -7.84
N GLN A 938 -22.20 30.04 -8.20
CA GLN A 938 -22.20 30.60 -9.56
C GLN A 938 -20.81 30.71 -10.15
N ILE A 939 -20.74 30.41 -11.44
CA ILE A 939 -19.51 30.64 -12.16
C ILE A 939 -19.80 31.62 -13.30
N THR A 940 -18.96 32.64 -13.41
CA THR A 940 -19.00 33.49 -14.60
C THR A 940 -17.90 33.00 -15.52
N ALA A 941 -18.29 32.34 -16.60
CA ALA A 941 -17.33 31.79 -17.57
C ALA A 941 -16.61 32.94 -18.27
N PRO A 942 -15.43 32.66 -18.88
CA PRO A 942 -14.70 33.68 -19.67
C PRO A 942 -15.51 34.39 -20.76
N ASN A 943 -16.34 33.64 -21.48
CA ASN A 943 -17.12 34.23 -22.58
C ASN A 943 -18.34 35.00 -22.05
N GLY A 944 -18.38 35.25 -20.74
CA GLY A 944 -19.48 35.95 -20.08
C GLY A 944 -20.73 35.14 -19.72
N ASP A 945 -20.83 33.89 -20.18
CA ASP A 945 -21.95 33.04 -19.75
C ASP A 945 -21.93 32.81 -18.25
N ILE A 946 -23.11 32.68 -17.66
CA ILE A 946 -23.22 32.44 -16.22
C ILE A 946 -23.76 31.03 -15.99
N TYR A 947 -23.02 30.25 -15.20
CA TYR A 947 -23.39 28.87 -14.85
C TYR A 947 -23.66 28.86 -13.35
N ALA A 948 -24.63 28.07 -12.92
CA ALA A 948 -24.89 27.89 -11.48
C ALA A 948 -25.12 26.41 -11.14
N VAL A 949 -24.65 26.00 -9.97
CA VAL A 949 -24.78 24.61 -9.52
C VAL A 949 -25.53 24.61 -8.20
N PHE A 950 -26.66 23.91 -8.17
CA PHE A 950 -27.46 23.82 -6.95
C PHE A 950 -27.60 22.37 -6.56
N VAL A 951 -27.30 22.06 -5.30
CA VAL A 951 -27.42 20.69 -4.83
C VAL A 951 -28.30 20.57 -3.58
N ASN A 952 -29.39 19.83 -3.71
CA ASN A 952 -30.21 19.48 -2.53
C ASN A 952 -30.08 17.99 -2.14
N ALA A 953 -29.15 17.71 -1.22
CA ALA A 953 -28.92 16.32 -0.76
C ALA A 953 -29.81 15.94 0.41
N ASP A 954 -30.74 16.83 0.78
CA ASP A 954 -31.68 16.61 1.87
C ASP A 954 -32.83 15.70 1.44
N GLU A 955 -33.58 15.22 2.41
CA GLU A 955 -34.70 14.33 2.15
C GLU A 955 -36.06 15.05 2.08
N LYS A 956 -36.02 16.37 2.04
CA LYS A 956 -37.21 17.14 1.74
C LYS A 956 -36.84 18.24 0.70
N ALA A 957 -37.84 18.82 0.02
CA ALA A 957 -37.63 19.99 -0.86
C ALA A 957 -36.91 21.08 -0.10
N ARG A 958 -35.97 21.72 -0.75
CA ARG A 958 -35.20 22.78 -0.10
C ARG A 958 -35.15 24.00 -1.00
N GLU A 959 -35.20 25.18 -0.40
CA GLU A 959 -35.28 26.44 -1.17
C GLU A 959 -33.97 27.23 -1.15
N PHE A 960 -33.54 27.69 -2.32
CA PHE A 960 -32.33 28.49 -2.39
C PHE A 960 -32.72 29.95 -2.64
N ASN A 961 -32.40 30.80 -1.67
CA ASN A 961 -32.69 32.24 -1.76
C ASN A 961 -31.74 32.94 -2.75
N LEU A 962 -32.30 33.48 -3.82
CA LEU A 962 -31.50 34.13 -4.86
C LEU A 962 -31.20 35.63 -4.61
N GLY A 963 -32.12 36.32 -3.93
CA GLY A 963 -31.96 37.75 -3.63
C GLY A 963 -32.12 38.57 -4.88
N THR A 964 -31.44 39.72 -4.94
CA THR A 964 -31.41 40.55 -6.15
C THR A 964 -30.14 40.21 -6.95
N ALA A 965 -29.07 39.91 -6.22
CA ALA A 965 -27.77 39.61 -6.83
C ALA A 965 -27.79 38.45 -7.84
N PHE A 966 -28.66 37.46 -7.62
CA PHE A 966 -28.70 36.27 -8.50
C PHE A 966 -30.03 36.03 -9.20
N ALA A 967 -30.86 37.09 -9.27
CA ALA A 967 -32.17 37.02 -9.91
C ALA A 967 -32.08 36.62 -11.38
N HIS A 968 -30.97 36.98 -12.02
CA HIS A 968 -30.72 36.66 -13.43
C HIS A 968 -30.73 35.16 -13.72
N LEU A 969 -30.45 34.34 -12.69
CA LEU A 969 -30.48 32.89 -12.89
C LEU A 969 -31.85 32.43 -13.27
N ARG A 970 -32.89 33.24 -13.00
CA ARG A 970 -34.25 32.83 -13.41
C ARG A 970 -34.41 32.79 -14.92
N ASN A 971 -33.48 33.44 -15.63
CA ASN A 971 -33.50 33.43 -17.07
C ASN A 971 -32.88 32.19 -17.70
N ALA A 972 -32.19 31.37 -16.87
CA ALA A 972 -31.38 30.23 -17.30
C ALA A 972 -32.10 29.15 -18.07
N GLU A 973 -31.31 28.50 -18.92
CA GLU A 973 -31.63 27.18 -19.43
C GLU A 973 -31.15 26.26 -18.33
N VAL A 974 -31.81 25.12 -18.23
CA VAL A 974 -31.46 24.08 -17.27
C VAL A 974 -30.70 22.96 -18.00
N LEU A 975 -29.47 22.70 -17.55
CA LEU A 975 -28.57 21.74 -18.19
C LEU A 975 -28.54 20.36 -17.50
N ALA A 976 -28.87 20.32 -16.21
CA ALA A 976 -29.01 19.06 -15.49
C ALA A 976 -30.20 19.14 -14.56
N ASP A 977 -31.04 18.10 -14.56
CA ASP A 977 -32.11 18.00 -13.56
C ASP A 977 -32.07 16.64 -12.83
N GLU A 978 -33.21 16.20 -12.33
CA GLU A 978 -33.26 14.99 -11.55
C GLU A 978 -33.20 13.72 -12.42
N ASN A 979 -33.32 13.88 -13.73
CA ASN A 979 -33.36 12.76 -14.67
C ASN A 979 -32.17 12.68 -15.64
N GLN A 980 -31.59 13.83 -15.99
CA GLN A 980 -30.62 13.89 -17.08
C GLN A 980 -29.66 15.07 -16.97
N ALA A 981 -28.60 15.03 -17.78
CA ALA A 981 -27.59 16.07 -17.83
C ALA A 981 -27.01 16.21 -19.23
N GLY A 982 -26.34 17.33 -19.49
CA GLY A 982 -25.74 17.58 -20.79
C GLY A 982 -25.61 19.07 -21.04
N PRO A 983 -25.03 19.46 -22.20
CA PRO A 983 -24.79 20.88 -22.57
C PRO A 983 -25.97 21.56 -23.30
N VAL A 984 -27.04 20.82 -23.52
CA VAL A 984 -28.20 21.32 -24.25
C VAL A 984 -29.37 21.42 -23.28
N GLY A 985 -30.02 22.58 -23.25
CA GLY A 985 -31.16 22.84 -22.36
C GLY A 985 -32.30 21.83 -22.38
N ILE A 986 -32.74 21.44 -21.18
CA ILE A 986 -33.87 20.51 -21.02
C ILE A 986 -35.19 21.26 -21.22
N ALA A 987 -36.06 20.72 -22.08
CA ALA A 987 -37.31 21.41 -22.44
C ALA A 987 -38.27 21.47 -21.25
N ASN A 988 -38.38 20.32 -20.56
CA ASN A 988 -39.28 20.16 -19.43
CA ASN A 988 -39.28 20.17 -19.41
C ASN A 988 -38.50 19.73 -18.17
N PRO A 989 -37.72 20.65 -17.55
CA PRO A 989 -36.91 20.32 -16.37
C PRO A 989 -37.71 19.70 -15.23
N LYS A 990 -37.17 18.67 -14.58
CA LYS A 990 -37.87 17.98 -13.51
C LYS A 990 -37.16 18.09 -12.17
N GLY A 991 -37.93 18.43 -11.14
CA GLY A 991 -37.42 18.51 -9.77
C GLY A 991 -37.13 19.94 -9.36
N LEU A 992 -37.57 20.89 -10.18
CA LEU A 992 -37.34 22.30 -9.94
C LEU A 992 -38.69 23.00 -9.75
N GLU A 993 -38.68 23.99 -8.87
CA GLU A 993 -39.77 24.93 -8.76
C GLU A 993 -39.20 26.31 -8.50
N TRP A 994 -39.63 27.28 -9.30
CA TRP A 994 -39.16 28.66 -9.19
C TRP A 994 -40.11 29.43 -8.30
N THR A 995 -39.56 30.10 -7.33
CA THR A 995 -40.31 30.67 -6.23
C THR A 995 -40.08 32.14 -6.06
N GLU A 996 -40.71 32.74 -5.07
CA GLU A 996 -40.61 34.14 -4.80
C GLU A 996 -39.20 34.44 -4.39
N LYS A 997 -38.66 33.60 -3.55
CA LYS A 997 -37.33 33.74 -3.08
C LYS A 997 -36.27 33.22 -4.02
N GLY A 998 -36.62 32.28 -4.86
CA GLY A 998 -35.66 31.76 -5.78
C GLY A 998 -36.00 30.45 -6.41
N LEU A 999 -35.29 29.43 -6.01
CA LEU A 999 -35.40 28.16 -6.60
C LEU A 999 -35.54 27.09 -5.54
N LYS A 1000 -36.50 26.21 -5.73
CA LYS A 1000 -36.74 25.13 -4.80
C LYS A 1000 -36.52 23.76 -5.46
N LEU A 1001 -35.55 23.01 -4.94
CA LEU A 1001 -35.24 21.66 -5.46
C LEU A 1001 -35.95 20.56 -4.70
N ASN A 1002 -36.56 19.62 -5.43
CA ASN A 1002 -37.04 18.38 -4.81
C ASN A 1002 -35.91 17.70 -4.01
N ALA A 1003 -36.33 16.80 -3.12
CA ALA A 1003 -35.40 16.03 -2.28
C ALA A 1003 -34.45 15.28 -3.19
N LEU A 1004 -33.17 15.28 -2.81
CA LEU A 1004 -32.15 14.48 -3.48
C LEU A 1004 -32.12 14.85 -4.95
N THR A 1005 -31.96 16.16 -5.18
CA THR A 1005 -31.91 16.74 -6.52
C THR A 1005 -30.77 17.76 -6.60
N ALA A 1006 -30.05 17.75 -7.72
CA ALA A 1006 -29.09 18.80 -8.08
C ALA A 1006 -29.48 19.34 -9.44
N THR A 1007 -29.15 20.60 -9.71
CA THR A 1007 -29.40 21.18 -11.04
C THR A 1007 -28.20 22.01 -11.50
N VAL A 1008 -27.99 22.05 -12.82
CA VAL A 1008 -26.99 22.95 -13.40
C VAL A 1008 -27.71 23.94 -14.31
N LEU A 1009 -27.48 25.23 -14.08
CA LEU A 1009 -28.13 26.29 -14.83
C LEU A 1009 -27.11 27.06 -15.67
N ARG A 1010 -27.53 27.50 -16.86
CA ARG A 1010 -26.70 28.37 -17.71
C ARG A 1010 -27.53 29.53 -18.30
N VAL A 1011 -27.03 30.75 -18.10
CA VAL A 1011 -27.61 31.95 -18.70
C VAL A 1011 -26.57 32.56 -19.63
N SER A 1012 -26.92 32.61 -20.91
CA SER A 1012 -26.06 33.22 -21.92
C SER A 1012 -26.69 34.52 -22.39
N GLN A 1013 -26.10 35.64 -21.96
CA GLN A 1013 -26.44 36.94 -22.56
C GLN A 1013 -25.84 36.95 -23.97
N ASN A 1014 -26.43 36.14 -24.83
CA ASN A 1014 -26.09 36.08 -26.24
C ASN A 1014 -27.34 35.70 -27.03
#